data_6VC4
#
_entry.id   6VC4
#
_cell.length_a   76.067
_cell.length_b   124.562
_cell.length_c   127.188
_cell.angle_alpha   90.000
_cell.angle_beta   90.000
_cell.angle_gamma   90.000
#
_symmetry.space_group_name_H-M   'P 2 21 21'
#
loop_
_entity.id
_entity.type
_entity.pdbx_description
1 polymer 'Galactose-binding lectin'
2 non-polymer '(2R,3R,4S,5R,6S)-2-(hydroxymethyl)-6-{[(2S,3R,4S,5S,6S)-3,4,5-trihydroxy-6-({[(1-{[(2R,3S,4S,5R,6S)-3,4,5-trihydroxy-6-methoxytetrahydro-2H-pyran-2-yl]methyl}-1H-1,2,3-triazol-4-yl)methyl]sulfanyl}methyl)tetrahydro-2H-pyran-2-yl]sulfanyl}tetrahydro-2H-pyran-3,4,5-triol (non-preferred name)'
3 non-polymer 'MANGANESE (II) ION'
4 non-polymer 'CALCIUM ION'
5 water water
#
_entity_poly.entity_id   1
_entity_poly.type   'polypeptide(L)'
_entity_poly.pdbx_seq_one_letter_code
;AETVSFNFNSFSEGNPAINFQGDVTVLSNGNIQLTNLNKVNSVGRVLYAMPVRIWSSATGNVASFLTSFSFEMKDIKDYD
PADGIIFFIAPEDTQIPAGSIGGGTLGVSDTKGAGHFVGVEFDTYSNSEYNDPPTDHVGIDVNSVDSVKTVPWNSVSGAV
VKVTVIYDSSTKTLSVAVTNDNGDITTIAQVVDLKAKLPERVKFGFSASGSLGGRQIHLIRSWSFTSTLITTTRRS
;
_entity_poly.pdbx_strand_id   A,B,C,D
#
# COMPACT_ATOMS: atom_id res chain seq x y z
N ALA A 1 -7.43 -12.49 7.27
CA ALA A 1 -7.29 -12.81 5.85
C ALA A 1 -5.82 -12.85 5.41
N GLU A 2 -5.54 -13.65 4.41
CA GLU A 2 -4.18 -13.86 3.89
C GLU A 2 -4.03 -13.09 2.58
N THR A 3 -3.17 -12.08 2.58
CA THR A 3 -3.01 -11.23 1.40
C THR A 3 -1.57 -11.24 0.84
N VAL A 4 -1.45 -11.40 -0.46
CA VAL A 4 -0.16 -11.29 -1.19
C VAL A 4 -0.26 -10.01 -2.02
N SER A 5 0.65 -9.08 -1.81
CA SER A 5 0.62 -7.78 -2.50
C SER A 5 2.03 -7.40 -2.99
N PHE A 6 2.13 -7.01 -4.26
CA PHE A 6 3.44 -6.57 -4.79
C PHE A 6 3.25 -5.55 -5.90
N ASN A 7 4.33 -4.84 -6.19
CA ASN A 7 4.28 -3.84 -7.24
C ASN A 7 5.67 -3.72 -7.89
N PHE A 8 5.69 -3.80 -9.23
CA PHE A 8 6.86 -3.65 -10.08
C PHE A 8 6.66 -2.50 -11.05
N ASN A 9 7.38 -1.41 -10.84
CA ASN A 9 7.34 -0.24 -11.73
C ASN A 9 8.39 -0.43 -12.81
N SER A 10 9.31 -1.34 -12.53
CA SER A 10 10.45 -1.75 -13.37
C SER A 10 11.00 -3.08 -12.86
N PHE A 11 11.93 -3.66 -13.59
CA PHE A 11 12.50 -4.98 -13.23
C PHE A 11 14.02 -4.93 -13.23
N SER A 12 14.64 -5.91 -12.61
CA SER A 12 16.12 -6.02 -12.63
C SER A 12 16.54 -7.48 -12.47
N GLU A 13 17.65 -7.85 -13.11
CA GLU A 13 18.28 -9.16 -13.01
C GLU A 13 18.75 -9.31 -11.54
N GLY A 14 18.66 -10.50 -10.98
CA GLY A 14 19.12 -10.66 -9.60
C GLY A 14 18.07 -10.30 -8.56
N ASN A 15 16.92 -9.76 -8.99
CA ASN A 15 15.80 -9.47 -8.09
C ASN A 15 15.25 -10.83 -7.67
N PRO A 16 15.41 -11.23 -6.38
CA PRO A 16 14.94 -12.56 -5.97
C PRO A 16 13.40 -12.74 -6.02
N ALA A 17 12.61 -11.68 -6.30
CA ALA A 17 11.14 -11.76 -6.41
C ALA A 17 10.67 -12.35 -7.74
N ILE A 18 11.57 -12.42 -8.72
CA ILE A 18 11.30 -12.89 -10.07
C ILE A 18 12.13 -14.13 -10.44
N ASN A 19 11.46 -15.15 -10.98
CA ASN A 19 12.05 -16.35 -11.57
C ASN A 19 12.06 -16.15 -13.06
N PHE A 20 13.25 -16.21 -13.67
CA PHE A 20 13.43 -16.06 -15.11
C PHE A 20 13.58 -17.44 -15.73
N GLN A 21 12.79 -17.73 -16.75
CA GLN A 21 12.78 -19.01 -17.45
C GLN A 21 13.03 -18.80 -18.95
N GLY A 22 13.89 -19.64 -19.50
CA GLY A 22 14.21 -19.59 -20.93
C GLY A 22 14.95 -18.35 -21.37
N ASP A 23 14.49 -17.76 -22.50
CA ASP A 23 15.18 -16.69 -23.24
C ASP A 23 14.95 -15.24 -22.73
N VAL A 24 14.44 -15.07 -21.51
CA VAL A 24 14.15 -13.74 -20.92
C VAL A 24 15.42 -12.97 -20.57
N THR A 25 15.39 -11.65 -20.86
CA THR A 25 16.42 -10.69 -20.49
C THR A 25 15.77 -9.43 -19.89
N VAL A 26 16.54 -8.68 -19.08
CA VAL A 26 16.11 -7.42 -18.52
C VAL A 26 16.89 -6.33 -19.26
N LEU A 27 16.14 -5.40 -19.89
CA LEU A 27 16.71 -4.27 -20.62
C LEU A 27 17.18 -3.20 -19.64
N SER A 28 18.12 -2.34 -20.07
CA SER A 28 18.71 -1.28 -19.23
C SER A 28 17.66 -0.29 -18.73
N ASN A 29 16.53 -0.14 -19.46
CA ASN A 29 15.42 0.74 -19.08
C ASN A 29 14.48 0.09 -18.02
N GLY A 30 14.75 -1.17 -17.67
CA GLY A 30 13.95 -1.89 -16.66
C GLY A 30 12.89 -2.82 -17.23
N ASN A 31 12.63 -2.73 -18.52
CA ASN A 31 11.63 -3.60 -19.19
C ASN A 31 12.14 -5.04 -19.24
N ILE A 32 11.24 -6.00 -19.18
CA ILE A 32 11.60 -7.43 -19.34
C ILE A 32 11.32 -7.75 -20.80
N GLN A 33 12.29 -8.33 -21.51
CA GLN A 33 12.07 -8.78 -22.89
C GLN A 33 11.98 -10.30 -22.84
N LEU A 34 10.81 -10.86 -23.16
CA LEU A 34 10.58 -12.31 -23.06
C LEU A 34 11.27 -13.18 -24.12
N THR A 35 11.26 -12.79 -25.39
CA THR A 35 11.85 -13.68 -26.43
C THR A 35 13.19 -13.15 -26.97
N ASN A 36 13.98 -14.07 -27.50
CA ASN A 36 15.29 -13.78 -28.11
C ASN A 36 15.07 -13.70 -29.62
N LEU A 37 15.25 -12.48 -30.18
CA LEU A 37 15.00 -12.17 -31.59
C LEU A 37 15.89 -12.96 -32.58
N ASN A 38 17.02 -13.55 -32.13
CA ASN A 38 17.93 -14.31 -32.98
C ASN A 38 17.83 -15.84 -32.79
N LYS A 39 16.84 -16.32 -32.00
CA LYS A 39 16.64 -17.75 -31.73
C LYS A 39 15.39 -18.30 -32.40
N VAL A 40 15.49 -19.51 -32.99
CA VAL A 40 14.35 -20.22 -33.58
C VAL A 40 13.49 -20.78 -32.44
N ASN A 41 12.15 -20.67 -32.52
CA ASN A 41 11.19 -21.18 -31.53
C ASN A 41 11.52 -20.66 -30.11
N SER A 42 11.91 -19.37 -30.01
CA SER A 42 12.26 -18.74 -28.74
C SER A 42 11.08 -18.74 -27.76
N VAL A 43 11.36 -19.09 -26.49
CA VAL A 43 10.38 -19.09 -25.41
C VAL A 43 11.03 -18.46 -24.19
N GLY A 44 10.35 -17.47 -23.62
CA GLY A 44 10.78 -16.81 -22.41
C GLY A 44 9.62 -16.58 -21.47
N ARG A 45 9.82 -16.86 -20.17
CA ARG A 45 8.78 -16.70 -19.16
C ARG A 45 9.34 -16.07 -17.89
N VAL A 46 8.52 -15.25 -17.21
CA VAL A 46 8.85 -14.67 -15.91
C VAL A 46 7.74 -15.09 -14.93
N LEU A 47 8.13 -15.42 -13.70
CA LEU A 47 7.18 -15.81 -12.66
C LEU A 47 7.49 -15.08 -11.38
N TYR A 48 6.43 -14.71 -10.63
CA TYR A 48 6.60 -14.16 -9.31
C TYR A 48 7.12 -15.34 -8.50
N ALA A 49 8.31 -15.20 -7.91
CA ALA A 49 9.04 -16.31 -7.26
C ALA A 49 8.30 -16.99 -6.12
N MET A 50 7.52 -16.24 -5.34
CA MET A 50 6.82 -16.84 -4.21
C MET A 50 5.53 -17.54 -4.66
N PRO A 51 5.30 -18.82 -4.21
CA PRO A 51 4.03 -19.48 -4.56
C PRO A 51 2.88 -18.74 -3.86
N VAL A 52 1.72 -18.72 -4.51
CA VAL A 52 0.57 -18.03 -3.96
C VAL A 52 -0.48 -19.09 -3.67
N ARG A 53 -0.98 -19.09 -2.43
CA ARG A 53 -2.02 -20.03 -2.03
C ARG A 53 -3.34 -19.47 -2.53
N ILE A 54 -3.84 -19.98 -3.68
CA ILE A 54 -5.06 -19.45 -4.27
C ILE A 54 -6.32 -20.07 -3.68
N TRP A 55 -6.20 -21.23 -3.01
CA TRP A 55 -7.35 -21.87 -2.36
C TRP A 55 -6.87 -22.83 -1.24
N SER A 56 -7.77 -23.11 -0.27
CA SER A 56 -7.43 -23.90 0.89
C SER A 56 -8.35 -25.10 1.03
N SER A 57 -7.73 -26.31 1.14
CA SER A 57 -8.40 -27.61 1.31
C SER A 57 -9.07 -27.71 2.68
N ALA A 58 -8.60 -26.92 3.66
CA ALA A 58 -9.13 -26.88 5.03
C ALA A 58 -10.48 -26.15 5.11
N THR A 59 -10.59 -24.92 4.54
CA THR A 59 -11.82 -24.13 4.59
C THR A 59 -12.71 -24.26 3.35
N GLY A 60 -12.12 -24.66 2.21
CA GLY A 60 -12.82 -24.71 0.93
C GLY A 60 -12.84 -23.33 0.25
N ASN A 61 -12.26 -22.30 0.91
CA ASN A 61 -12.21 -20.92 0.41
C ASN A 61 -11.23 -20.75 -0.74
N VAL A 62 -11.61 -19.87 -1.68
CA VAL A 62 -10.85 -19.51 -2.87
C VAL A 62 -10.52 -18.00 -2.80
N ALA A 63 -9.31 -17.64 -3.18
CA ALA A 63 -8.89 -16.23 -3.09
C ALA A 63 -9.46 -15.44 -4.26
N SER A 64 -9.58 -14.14 -4.05
CA SER A 64 -9.91 -13.19 -5.13
C SER A 64 -8.61 -12.45 -5.47
N PHE A 65 -8.47 -11.96 -6.69
CA PHE A 65 -7.27 -11.14 -6.97
C PHE A 65 -7.59 -9.98 -7.91
N LEU A 66 -6.81 -8.93 -7.74
CA LEU A 66 -6.81 -7.74 -8.62
C LEU A 66 -5.38 -7.59 -9.12
N THR A 67 -5.23 -7.52 -10.42
CA THR A 67 -3.87 -7.39 -10.99
C THR A 67 -3.90 -6.44 -12.18
N SER A 68 -2.86 -5.68 -12.31
CA SER A 68 -2.69 -4.74 -13.41
C SER A 68 -1.28 -4.85 -13.96
N PHE A 69 -1.17 -4.81 -15.27
CA PHE A 69 0.16 -4.87 -15.93
C PHE A 69 0.12 -4.11 -17.26
N SER A 70 1.30 -3.71 -17.70
CA SER A 70 1.46 -3.02 -19.00
C SER A 70 2.52 -3.77 -19.82
N PHE A 71 2.23 -3.94 -21.08
CA PHE A 71 3.14 -4.62 -22.00
C PHE A 71 3.21 -3.87 -23.33
N GLU A 72 4.16 -4.29 -24.16
CA GLU A 72 4.35 -3.73 -25.51
C GLU A 72 4.89 -4.80 -26.47
N MET A 73 4.29 -4.84 -27.63
CA MET A 73 4.74 -5.72 -28.72
C MET A 73 5.14 -4.84 -29.89
N LYS A 74 6.36 -5.06 -30.41
CA LYS A 74 6.91 -4.27 -31.51
C LYS A 74 7.41 -5.16 -32.64
N ASP A 75 7.03 -4.78 -33.84
CA ASP A 75 7.44 -5.48 -35.07
C ASP A 75 8.93 -5.29 -35.27
N ILE A 76 9.55 -6.30 -35.84
CA ILE A 76 10.97 -6.22 -36.26
C ILE A 76 10.99 -6.45 -37.77
N LYS A 77 12.05 -6.01 -38.43
CA LYS A 77 12.14 -6.15 -39.90
C LYS A 77 12.15 -7.62 -40.32
N ASP A 78 11.49 -7.93 -41.44
CA ASP A 78 11.46 -9.26 -42.12
C ASP A 78 10.56 -10.30 -41.44
N TYR A 79 10.69 -10.53 -40.14
CA TYR A 79 9.88 -11.57 -39.46
C TYR A 79 8.39 -11.19 -39.33
N ASP A 80 7.52 -12.20 -39.38
CA ASP A 80 6.07 -12.02 -39.21
C ASP A 80 5.86 -11.68 -37.73
N PRO A 81 5.16 -10.58 -37.35
CA PRO A 81 4.98 -10.24 -35.94
C PRO A 81 4.18 -11.32 -35.22
N ALA A 82 4.89 -12.18 -34.47
CA ALA A 82 4.33 -13.35 -33.81
C ALA A 82 5.18 -13.72 -32.56
N ASP A 83 4.62 -14.42 -31.53
CA ASP A 83 3.27 -15.00 -31.51
C ASP A 83 2.27 -14.40 -30.51
N GLY A 84 2.83 -13.72 -29.50
CA GLY A 84 2.06 -13.06 -28.47
C GLY A 84 2.54 -13.32 -27.06
N ILE A 85 1.78 -12.78 -26.12
CA ILE A 85 2.07 -12.84 -24.66
C ILE A 85 0.87 -13.50 -23.97
N ILE A 86 1.14 -14.33 -22.97
CA ILE A 86 0.10 -14.90 -22.10
C ILE A 86 0.43 -14.59 -20.62
N PHE A 87 -0.56 -14.05 -19.93
CA PHE A 87 -0.52 -13.84 -18.48
C PHE A 87 -1.09 -15.14 -17.94
N PHE A 88 -0.29 -15.91 -17.19
CA PHE A 88 -0.78 -17.24 -16.80
C PHE A 88 -0.58 -17.56 -15.33
N ILE A 89 -1.28 -18.62 -14.91
CA ILE A 89 -1.36 -19.19 -13.55
C ILE A 89 -1.14 -20.64 -13.70
N ALA A 90 -0.21 -21.22 -12.94
CA ALA A 90 0.11 -22.65 -13.12
C ALA A 90 0.62 -23.26 -11.82
N PRO A 91 0.76 -24.61 -11.72
CA PRO A 91 1.33 -25.21 -10.50
C PRO A 91 2.71 -24.60 -10.17
N GLU A 92 3.07 -24.55 -8.88
CA GLU A 92 4.34 -23.90 -8.48
C GLU A 92 5.61 -24.50 -9.15
N ASP A 93 5.55 -25.76 -9.63
CA ASP A 93 6.70 -26.41 -10.26
C ASP A 93 6.75 -26.17 -11.76
N THR A 94 5.90 -25.27 -12.27
CA THR A 94 5.80 -24.99 -13.72
C THR A 94 7.15 -24.64 -14.37
N GLN A 95 7.37 -25.25 -15.53
CA GLN A 95 8.54 -25.05 -16.38
C GLN A 95 8.09 -24.96 -17.82
N ILE A 96 8.91 -24.36 -18.71
CA ILE A 96 8.64 -24.35 -20.15
C ILE A 96 8.44 -25.83 -20.58
N PRO A 97 7.36 -26.20 -21.30
CA PRO A 97 7.19 -27.61 -21.70
C PRO A 97 8.43 -28.15 -22.41
N ALA A 98 8.85 -29.38 -22.08
CA ALA A 98 10.04 -29.98 -22.68
C ALA A 98 9.86 -30.16 -24.19
N GLY A 99 10.87 -29.72 -24.95
CA GLY A 99 10.87 -29.75 -26.41
C GLY A 99 9.89 -28.78 -27.04
N SER A 100 9.58 -27.65 -26.32
CA SER A 100 8.67 -26.60 -26.75
C SER A 100 9.00 -26.08 -28.14
N ILE A 101 7.97 -26.02 -28.98
CA ILE A 101 8.09 -25.54 -30.36
C ILE A 101 7.82 -24.02 -30.43
N GLY A 102 7.62 -23.39 -29.26
CA GLY A 102 7.30 -21.97 -29.18
C GLY A 102 6.06 -21.69 -30.00
N GLY A 103 6.19 -20.77 -30.95
CA GLY A 103 5.09 -20.42 -31.85
C GLY A 103 3.76 -20.18 -31.15
N GLY A 104 2.73 -20.88 -31.62
CA GLY A 104 1.35 -20.81 -31.16
C GLY A 104 1.08 -21.37 -29.77
N THR A 105 2.05 -22.15 -29.22
CA THR A 105 1.96 -22.77 -27.89
C THR A 105 2.09 -21.70 -26.79
N LEU A 106 2.63 -20.51 -27.17
CA LEU A 106 2.88 -19.32 -26.33
C LEU A 106 3.77 -19.65 -25.12
N GLY A 107 4.51 -20.75 -25.21
CA GLY A 107 5.42 -21.22 -24.17
C GLY A 107 4.79 -21.88 -22.96
N VAL A 108 3.49 -22.21 -23.02
CA VAL A 108 2.81 -22.81 -21.87
C VAL A 108 2.20 -24.18 -22.20
N SER A 109 2.15 -24.56 -23.50
CA SER A 109 1.53 -25.82 -23.87
C SER A 109 2.44 -26.71 -24.73
N ASP A 110 2.01 -27.97 -24.97
CA ASP A 110 2.73 -28.90 -25.84
C ASP A 110 2.32 -28.60 -27.30
N THR A 111 2.79 -29.41 -28.27
CA THR A 111 2.48 -29.23 -29.69
C THR A 111 0.97 -29.33 -29.97
N LYS A 112 0.24 -30.22 -29.25
CA LYS A 112 -1.21 -30.37 -29.42
C LYS A 112 -2.00 -29.20 -28.76
N GLY A 113 -1.30 -28.30 -28.10
CA GLY A 113 -1.87 -27.11 -27.46
C GLY A 113 -2.40 -27.31 -26.06
N ALA A 114 -2.02 -28.41 -25.40
CA ALA A 114 -2.47 -28.73 -24.06
C ALA A 114 -1.38 -28.51 -23.03
N GLY A 115 -1.81 -28.15 -21.82
CA GLY A 115 -0.92 -27.91 -20.69
C GLY A 115 -1.72 -27.79 -19.40
N HIS A 116 -1.02 -27.43 -18.32
CA HIS A 116 -1.64 -27.26 -17.02
C HIS A 116 -1.46 -25.79 -16.62
N PHE A 117 -2.48 -24.95 -16.94
CA PHE A 117 -2.45 -23.51 -16.67
C PHE A 117 -3.82 -22.88 -16.90
N VAL A 118 -4.01 -21.67 -16.38
CA VAL A 118 -5.15 -20.80 -16.65
C VAL A 118 -4.52 -19.50 -17.11
N GLY A 119 -4.97 -18.97 -18.23
CA GLY A 119 -4.35 -17.74 -18.72
C GLY A 119 -5.20 -16.76 -19.50
N VAL A 120 -4.63 -15.58 -19.72
CA VAL A 120 -5.18 -14.49 -20.52
C VAL A 120 -4.13 -14.21 -21.62
N GLU A 121 -4.43 -14.63 -22.85
CA GLU A 121 -3.49 -14.47 -23.97
C GLU A 121 -3.85 -13.26 -24.83
N PHE A 122 -2.79 -12.61 -25.32
CA PHE A 122 -2.76 -11.46 -26.22
C PHE A 122 -2.09 -11.99 -27.50
N ASP A 123 -2.88 -12.70 -28.29
CA ASP A 123 -2.48 -13.48 -29.44
C ASP A 123 -2.45 -12.72 -30.76
N THR A 124 -1.24 -12.64 -31.40
CA THR A 124 -1.02 -11.87 -32.63
C THR A 124 -0.82 -12.71 -33.91
N TYR A 125 -1.19 -13.99 -33.88
CA TYR A 125 -1.04 -14.87 -35.06
C TYR A 125 -2.10 -15.97 -35.00
N SER A 126 -2.82 -16.15 -36.11
CA SER A 126 -3.91 -17.11 -36.21
C SER A 126 -3.41 -18.54 -36.54
N ASN A 127 -3.34 -19.40 -35.50
CA ASN A 127 -2.98 -20.81 -35.59
C ASN A 127 -4.23 -21.66 -35.79
N SER A 128 -4.49 -22.11 -37.04
CA SER A 128 -5.66 -22.95 -37.36
C SER A 128 -5.66 -24.24 -36.54
N GLU A 129 -4.45 -24.74 -36.19
CA GLU A 129 -4.23 -25.98 -35.41
C GLU A 129 -4.76 -25.82 -33.95
N TYR A 130 -4.94 -24.57 -33.47
CA TYR A 130 -5.47 -24.30 -32.14
C TYR A 130 -6.83 -23.58 -32.22
N ASN A 131 -7.48 -23.64 -33.41
CA ASN A 131 -8.77 -23.05 -33.74
C ASN A 131 -8.81 -21.54 -33.40
N ASP A 132 -7.70 -20.84 -33.67
CA ASP A 132 -7.60 -19.40 -33.44
C ASP A 132 -8.60 -18.62 -34.30
N PRO A 133 -9.20 -17.53 -33.79
CA PRO A 133 -10.06 -16.70 -34.67
C PRO A 133 -9.20 -16.05 -35.78
N PRO A 134 -9.78 -15.51 -36.89
CA PRO A 134 -8.92 -15.00 -37.97
C PRO A 134 -8.08 -13.75 -37.68
N THR A 135 -8.43 -12.93 -36.68
CA THR A 135 -7.68 -11.69 -36.38
C THR A 135 -6.97 -11.77 -35.02
N ASP A 136 -6.16 -10.71 -34.65
CA ASP A 136 -5.56 -10.56 -33.32
C ASP A 136 -6.66 -10.67 -32.27
N HIS A 137 -6.35 -11.26 -31.11
CA HIS A 137 -7.39 -11.46 -30.10
C HIS A 137 -6.88 -11.65 -28.70
N VAL A 138 -7.78 -11.38 -27.75
CA VAL A 138 -7.55 -11.64 -26.34
C VAL A 138 -8.33 -12.90 -26.06
N GLY A 139 -7.71 -13.86 -25.41
CA GLY A 139 -8.36 -15.12 -25.11
C GLY A 139 -8.25 -15.49 -23.66
N ILE A 140 -9.22 -16.28 -23.17
CA ILE A 140 -9.22 -16.85 -21.82
C ILE A 140 -8.99 -18.33 -22.06
N ASP A 141 -7.89 -18.84 -21.48
CA ASP A 141 -7.37 -20.20 -21.70
C ASP A 141 -7.42 -21.05 -20.47
N VAL A 142 -7.92 -22.26 -20.61
CA VAL A 142 -8.02 -23.21 -19.50
C VAL A 142 -7.42 -24.54 -19.97
N ASN A 143 -6.12 -24.76 -19.61
CA ASN A 143 -5.32 -25.95 -19.90
C ASN A 143 -5.12 -26.18 -21.43
N SER A 144 -5.29 -25.12 -22.24
CA SER A 144 -5.20 -25.20 -23.68
C SER A 144 -5.08 -23.82 -24.32
N VAL A 145 -4.34 -23.76 -25.43
CA VAL A 145 -4.20 -22.53 -26.24
C VAL A 145 -5.36 -22.51 -27.26
N ASP A 146 -6.26 -23.54 -27.23
CA ASP A 146 -7.54 -23.53 -27.93
C ASP A 146 -8.49 -22.90 -26.88
N SER A 147 -8.57 -21.56 -26.91
CA SER A 147 -9.26 -20.72 -25.94
C SER A 147 -10.71 -21.11 -25.70
N VAL A 148 -11.12 -21.04 -24.42
CA VAL A 148 -12.51 -21.26 -24.00
C VAL A 148 -13.35 -20.11 -24.62
N LYS A 149 -12.75 -18.90 -24.70
CA LYS A 149 -13.42 -17.73 -25.27
C LYS A 149 -12.39 -16.73 -25.76
N THR A 150 -12.70 -16.02 -26.84
CA THR A 150 -11.86 -14.96 -27.40
C THR A 150 -12.70 -13.73 -27.71
N VAL A 151 -12.02 -12.61 -27.88
CA VAL A 151 -12.63 -11.35 -28.29
C VAL A 151 -11.69 -10.73 -29.35
N PRO A 152 -12.22 -10.18 -30.48
CA PRO A 152 -11.33 -9.51 -31.45
C PRO A 152 -10.62 -8.32 -30.79
N TRP A 153 -9.35 -8.18 -31.11
CA TRP A 153 -8.49 -7.14 -30.57
C TRP A 153 -7.50 -6.74 -31.67
N ASN A 154 -6.69 -5.72 -31.45
CA ASN A 154 -5.71 -5.29 -32.44
C ASN A 154 -4.40 -4.95 -31.73
N SER A 155 -3.32 -5.70 -32.06
CA SER A 155 -2.00 -5.47 -31.48
C SER A 155 -1.27 -4.41 -32.32
N VAL A 156 -1.08 -3.23 -31.76
CA VAL A 156 -0.45 -2.09 -32.41
C VAL A 156 1.05 -2.10 -32.06
N SER A 157 1.90 -2.18 -33.09
CA SER A 157 3.35 -2.21 -32.94
C SER A 157 3.88 -0.96 -32.24
N GLY A 158 4.61 -1.16 -31.16
CA GLY A 158 5.20 -0.09 -30.36
C GLY A 158 4.25 0.58 -29.39
N ALA A 159 2.99 0.09 -29.31
CA ALA A 159 2.01 0.69 -28.42
C ALA A 159 2.07 0.09 -27.02
N VAL A 160 1.97 0.95 -26.00
CA VAL A 160 1.92 0.50 -24.62
C VAL A 160 0.46 0.14 -24.33
N VAL A 161 0.23 -1.11 -23.92
CA VAL A 161 -1.09 -1.67 -23.63
C VAL A 161 -1.20 -1.86 -22.09
N LYS A 162 -2.32 -1.39 -21.50
CA LYS A 162 -2.63 -1.53 -20.07
C LYS A 162 -3.73 -2.58 -19.89
N VAL A 163 -3.54 -3.47 -18.92
CA VAL A 163 -4.48 -4.55 -18.65
C VAL A 163 -4.85 -4.52 -17.15
N THR A 164 -6.10 -4.79 -16.86
CA THR A 164 -6.62 -4.93 -15.50
C THR A 164 -7.40 -6.24 -15.48
N VAL A 165 -7.10 -7.07 -14.48
CA VAL A 165 -7.76 -8.35 -14.31
C VAL A 165 -8.36 -8.45 -12.91
N ILE A 166 -9.63 -8.88 -12.83
CA ILE A 166 -10.29 -9.13 -11.57
C ILE A 166 -10.73 -10.58 -11.56
N TYR A 167 -10.33 -11.31 -10.50
CA TYR A 167 -10.89 -12.64 -10.27
C TYR A 167 -11.75 -12.57 -9.02
N ASP A 168 -13.05 -12.80 -9.19
CA ASP A 168 -14.01 -12.80 -8.08
C ASP A 168 -14.25 -14.25 -7.68
N SER A 169 -13.73 -14.66 -6.50
CA SER A 169 -13.80 -16.05 -6.06
C SER A 169 -15.24 -16.59 -5.89
N SER A 170 -16.19 -15.78 -5.37
CA SER A 170 -17.60 -16.20 -5.14
C SER A 170 -18.33 -16.60 -6.45
N THR A 171 -18.21 -15.78 -7.53
CA THR A 171 -18.86 -16.11 -8.81
C THR A 171 -17.93 -16.93 -9.74
N LYS A 172 -16.65 -17.05 -9.36
CA LYS A 172 -15.58 -17.72 -10.12
C LYS A 172 -15.35 -16.98 -11.46
N THR A 173 -15.64 -15.68 -11.49
CA THR A 173 -15.49 -14.90 -12.72
C THR A 173 -14.11 -14.27 -12.84
N LEU A 174 -13.47 -14.52 -13.98
CA LEU A 174 -12.23 -13.89 -14.40
C LEU A 174 -12.63 -12.78 -15.41
N SER A 175 -12.51 -11.50 -15.00
CA SER A 175 -12.83 -10.36 -15.86
C SER A 175 -11.58 -9.58 -16.25
N VAL A 176 -11.47 -9.25 -17.55
CA VAL A 176 -10.28 -8.61 -18.15
C VAL A 176 -10.71 -7.33 -18.89
N ALA A 177 -10.00 -6.22 -18.64
CA ALA A 177 -10.18 -4.96 -19.36
C ALA A 177 -8.83 -4.57 -19.94
N VAL A 178 -8.78 -4.37 -21.25
CA VAL A 178 -7.56 -4.05 -22.00
C VAL A 178 -7.71 -2.64 -22.60
N THR A 179 -6.78 -1.73 -22.23
CA THR A 179 -6.79 -0.34 -22.70
C THR A 179 -5.72 -0.18 -23.79
N ASN A 180 -6.20 0.07 -25.03
CA ASN A 180 -5.40 0.29 -26.23
C ASN A 180 -4.83 1.72 -26.27
N ASP A 181 -3.92 1.96 -27.23
CA ASP A 181 -3.23 3.23 -27.50
C ASP A 181 -4.21 4.31 -27.98
N ASN A 182 -5.18 3.93 -28.86
CA ASN A 182 -6.19 4.81 -29.45
C ASN A 182 -7.31 5.21 -28.41
N GLY A 183 -7.17 4.76 -27.16
CA GLY A 183 -8.09 5.07 -26.09
C GLY A 183 -9.26 4.14 -25.85
N ASP A 184 -9.56 3.23 -26.81
CA ASP A 184 -10.67 2.27 -26.70
C ASP A 184 -10.38 1.17 -25.70
N ILE A 185 -11.44 0.61 -25.09
CA ILE A 185 -11.30 -0.50 -24.15
C ILE A 185 -11.85 -1.76 -24.78
N THR A 186 -11.21 -2.91 -24.48
CA THR A 186 -11.61 -4.25 -24.91
C THR A 186 -11.83 -5.06 -23.63
N THR A 187 -12.95 -5.77 -23.52
CA THR A 187 -13.18 -6.59 -22.33
C THR A 187 -13.48 -8.02 -22.70
N ILE A 188 -13.20 -8.93 -21.77
CA ILE A 188 -13.53 -10.36 -21.91
C ILE A 188 -13.65 -10.95 -20.52
N ALA A 189 -14.69 -11.74 -20.29
CA ALA A 189 -14.93 -12.33 -18.97
C ALA A 189 -15.37 -13.78 -19.12
N GLN A 190 -14.97 -14.65 -18.19
CA GLN A 190 -15.31 -16.08 -18.25
C GLN A 190 -15.36 -16.64 -16.86
N VAL A 191 -16.36 -17.49 -16.59
CA VAL A 191 -16.41 -18.21 -15.32
C VAL A 191 -15.36 -19.33 -15.39
N VAL A 192 -14.35 -19.28 -14.51
CA VAL A 192 -13.25 -20.25 -14.41
C VAL A 192 -13.12 -20.67 -12.95
N ASP A 193 -13.32 -21.97 -12.64
CA ASP A 193 -13.20 -22.50 -11.28
C ASP A 193 -11.74 -22.88 -11.02
N LEU A 194 -10.97 -21.92 -10.45
CA LEU A 194 -9.53 -22.09 -10.18
C LEU A 194 -9.26 -23.28 -9.22
N LYS A 195 -10.12 -23.49 -8.22
CA LYS A 195 -10.06 -24.61 -7.25
C LYS A 195 -10.19 -25.98 -7.97
N ALA A 196 -10.93 -26.05 -9.09
CA ALA A 196 -11.12 -27.29 -9.86
C ALA A 196 -10.03 -27.52 -10.92
N LYS A 197 -9.40 -26.45 -11.40
CA LYS A 197 -8.43 -26.57 -12.48
C LYS A 197 -6.98 -26.44 -12.03
N LEU A 198 -6.77 -25.87 -10.85
CA LEU A 198 -5.39 -25.64 -10.37
C LEU A 198 -5.11 -26.18 -8.95
N PRO A 199 -3.84 -26.42 -8.55
CA PRO A 199 -3.57 -26.83 -7.16
C PRO A 199 -3.74 -25.67 -6.19
N GLU A 200 -3.64 -25.99 -4.90
CA GLU A 200 -3.72 -24.98 -3.83
C GLU A 200 -2.64 -23.91 -3.97
N ARG A 201 -1.41 -24.30 -4.34
CA ARG A 201 -0.27 -23.38 -4.49
C ARG A 201 0.09 -23.24 -5.96
N VAL A 202 0.19 -21.99 -6.43
CA VAL A 202 0.46 -21.67 -7.84
C VAL A 202 1.50 -20.60 -7.99
N LYS A 203 1.95 -20.44 -9.22
CA LYS A 203 2.80 -19.35 -9.59
C LYS A 203 2.08 -18.54 -10.66
N PHE A 204 2.27 -17.23 -10.62
CA PHE A 204 1.72 -16.28 -11.57
C PHE A 204 2.84 -15.73 -12.42
N GLY A 205 2.60 -15.54 -13.71
CA GLY A 205 3.65 -14.95 -14.55
C GLY A 205 3.21 -14.59 -15.95
N PHE A 206 4.20 -14.36 -16.81
CA PHE A 206 4.00 -14.05 -18.24
C PHE A 206 4.91 -14.94 -19.09
N SER A 207 4.41 -15.30 -20.24
CA SER A 207 5.15 -16.13 -21.21
C SER A 207 4.93 -15.58 -22.62
N ALA A 208 5.96 -15.68 -23.44
CA ALA A 208 5.88 -15.31 -24.85
C ALA A 208 6.73 -16.25 -25.67
N SER A 209 6.42 -16.37 -26.96
CA SER A 209 7.16 -17.27 -27.84
C SER A 209 7.13 -16.78 -29.28
N GLY A 210 8.01 -17.35 -30.06
CA GLY A 210 8.11 -17.12 -31.48
C GLY A 210 8.47 -18.42 -32.16
N SER A 211 8.48 -18.43 -33.49
CA SER A 211 8.87 -19.58 -34.30
C SER A 211 10.14 -19.22 -35.16
N LEU A 212 10.37 -19.93 -36.28
CA LEU A 212 11.48 -19.61 -37.18
C LEU A 212 11.17 -18.28 -37.90
N GLY A 213 10.00 -18.22 -38.55
CA GLY A 213 9.54 -17.06 -39.30
C GLY A 213 8.77 -16.00 -38.52
N GLY A 214 8.16 -16.39 -37.39
CA GLY A 214 7.40 -15.49 -36.54
C GLY A 214 8.14 -15.03 -35.31
N ARG A 215 8.56 -13.77 -35.31
CA ARG A 215 9.31 -13.15 -34.21
C ARG A 215 8.91 -11.69 -34.06
N GLN A 216 8.88 -11.19 -32.83
CA GLN A 216 8.63 -9.79 -32.51
C GLN A 216 9.18 -9.49 -31.13
N ILE A 217 9.26 -8.21 -30.81
CA ILE A 217 9.69 -7.82 -29.46
C ILE A 217 8.49 -7.96 -28.51
N HIS A 218 8.64 -8.74 -27.44
CA HIS A 218 7.59 -8.91 -26.39
C HIS A 218 8.14 -8.29 -25.09
N LEU A 219 7.52 -7.24 -24.59
CA LEU A 219 8.03 -6.53 -23.40
C LEU A 219 7.00 -6.47 -22.28
N ILE A 220 7.42 -6.74 -21.05
CA ILE A 220 6.59 -6.52 -19.84
C ILE A 220 7.19 -5.27 -19.20
N ARG A 221 6.36 -4.24 -19.01
CA ARG A 221 6.82 -2.94 -18.50
C ARG A 221 6.54 -2.76 -17.01
N SER A 222 5.41 -3.26 -16.54
CA SER A 222 5.06 -3.10 -15.11
C SER A 222 4.04 -4.18 -14.70
N TRP A 223 3.92 -4.41 -13.39
CA TRP A 223 3.04 -5.44 -12.83
C TRP A 223 2.71 -5.15 -11.37
N SER A 224 1.42 -5.04 -11.07
CA SER A 224 0.98 -4.91 -9.67
C SER A 224 -0.01 -6.04 -9.40
N PHE A 225 -0.04 -6.53 -8.18
CA PHE A 225 -0.90 -7.69 -7.86
C PHE A 225 -1.30 -7.68 -6.39
N THR A 226 -2.56 -8.01 -6.15
CA THR A 226 -3.09 -8.20 -4.79
C THR A 226 -4.05 -9.39 -4.81
N SER A 227 -3.83 -10.36 -3.94
CA SER A 227 -4.75 -11.51 -3.79
C SER A 227 -5.13 -11.59 -2.32
N THR A 228 -6.38 -11.88 -2.02
CA THR A 228 -6.81 -12.04 -0.63
C THR A 228 -7.58 -13.36 -0.49
N LEU A 229 -7.19 -14.17 0.50
CA LEU A 229 -7.85 -15.47 0.79
C LEU A 229 -8.50 -15.37 2.17
N ILE A 230 -9.80 -15.58 2.24
CA ILE A 230 -10.48 -15.56 3.53
C ILE A 230 -10.01 -16.78 4.36
N THR A 231 -9.36 -16.51 5.52
CA THR A 231 -8.91 -17.55 6.44
C THR A 231 -9.97 -17.62 7.52
N THR A 232 -10.75 -18.72 7.56
CA THR A 232 -11.87 -18.85 8.50
C THR A 232 -11.89 -20.28 9.08
N ALA B 1 14.17 1.46 -8.64
CA ALA B 1 14.49 0.90 -7.34
C ALA B 1 13.77 -0.44 -7.08
N GLU B 2 14.41 -1.32 -6.31
CA GLU B 2 13.91 -2.64 -5.95
C GLU B 2 13.33 -2.60 -4.53
N THR B 3 12.03 -2.88 -4.43
CA THR B 3 11.30 -2.79 -3.17
C THR B 3 10.60 -4.12 -2.83
N VAL B 4 10.74 -4.53 -1.56
CA VAL B 4 10.07 -5.67 -0.93
C VAL B 4 9.13 -5.08 0.13
N SER B 5 7.83 -5.39 0.09
CA SER B 5 6.84 -4.88 1.03
C SER B 5 5.79 -5.92 1.34
N PHE B 6 5.40 -6.01 2.63
CA PHE B 6 4.35 -6.92 3.05
C PHE B 6 3.72 -6.40 4.32
N ASN B 7 2.56 -6.95 4.67
CA ASN B 7 1.84 -6.56 5.89
C ASN B 7 0.96 -7.71 6.33
N PHE B 8 1.26 -8.26 7.53
CA PHE B 8 0.58 -9.36 8.23
C PHE B 8 -0.17 -8.81 9.45
N ASN B 9 -1.49 -8.85 9.39
CA ASN B 9 -2.38 -8.44 10.49
C ASN B 9 -2.66 -9.67 11.34
N SER B 10 -2.38 -10.80 10.76
CA SER B 10 -2.53 -12.13 11.39
C SER B 10 -1.79 -13.17 10.55
N PHE B 11 -1.72 -14.40 11.03
CA PHE B 11 -0.95 -15.44 10.32
C PHE B 11 -1.75 -16.72 10.14
N SER B 12 -1.30 -17.57 9.24
CA SER B 12 -1.92 -18.90 9.04
C SER B 12 -0.89 -19.92 8.57
N GLU B 13 -1.10 -21.18 8.96
CA GLU B 13 -0.33 -22.34 8.57
C GLU B 13 -0.51 -22.54 7.08
N GLY B 14 0.52 -22.98 6.40
CA GLY B 14 0.38 -23.23 4.97
C GLY B 14 0.50 -21.99 4.09
N ASN B 15 0.59 -20.78 4.70
CA ASN B 15 0.85 -19.51 3.98
C ASN B 15 2.27 -19.62 3.41
N PRO B 16 2.43 -19.81 2.07
CA PRO B 16 3.79 -20.01 1.52
C PRO B 16 4.72 -18.80 1.64
N ALA B 17 4.20 -17.63 2.08
CA ALA B 17 4.99 -16.41 2.31
C ALA B 17 5.85 -16.51 3.59
N ILE B 18 5.55 -17.50 4.48
CA ILE B 18 6.24 -17.71 5.75
C ILE B 18 6.86 -19.11 5.87
N ASN B 19 8.16 -19.14 6.25
CA ASN B 19 8.92 -20.35 6.54
C ASN B 19 8.86 -20.57 8.04
N PHE B 20 8.32 -21.72 8.45
CA PHE B 20 8.23 -22.11 9.86
C PHE B 20 9.39 -23.04 10.18
N GLN B 21 10.16 -22.69 11.22
CA GLN B 21 11.32 -23.47 11.66
C GLN B 21 11.14 -23.90 13.12
N GLY B 22 11.42 -25.16 13.38
CA GLY B 22 11.35 -25.73 14.72
C GLY B 22 9.95 -25.83 15.31
N ASP B 23 9.82 -25.39 16.57
CA ASP B 23 8.63 -25.56 17.40
C ASP B 23 7.47 -24.54 17.20
N VAL B 24 7.49 -23.74 16.13
CA VAL B 24 6.44 -22.73 15.84
C VAL B 24 5.11 -23.36 15.53
N THR B 25 4.02 -22.72 16.03
CA THR B 25 2.64 -23.09 15.72
C THR B 25 1.84 -21.79 15.45
N VAL B 26 0.72 -21.92 14.74
CA VAL B 26 -0.18 -20.80 14.49
C VAL B 26 -1.43 -21.06 15.31
N LEU B 27 -1.77 -20.11 16.19
CA LEU B 27 -2.95 -20.21 17.04
C LEU B 27 -4.21 -19.91 16.22
N SER B 28 -5.37 -20.37 16.72
CA SER B 28 -6.68 -20.18 16.07
C SER B 28 -7.03 -18.70 15.92
N ASN B 29 -6.48 -17.82 16.78
CA ASN B 29 -6.72 -16.38 16.70
C ASN B 29 -5.80 -15.67 15.67
N GLY B 30 -4.93 -16.43 15.01
CA GLY B 30 -4.01 -15.90 13.98
C GLY B 30 -2.63 -15.55 14.51
N ASN B 31 -2.43 -15.59 15.82
CA ASN B 31 -1.09 -15.31 16.39
C ASN B 31 -0.10 -16.45 16.13
N ILE B 32 1.17 -16.11 16.05
CA ILE B 32 2.23 -17.15 15.90
C ILE B 32 2.81 -17.40 17.29
N GLN B 33 2.82 -18.65 17.74
CA GLN B 33 3.45 -19.00 19.04
C GLN B 33 4.81 -19.64 18.71
N LEU B 34 5.89 -18.97 19.06
CA LEU B 34 7.25 -19.43 18.70
C LEU B 34 7.74 -20.69 19.42
N THR B 35 7.54 -20.78 20.73
CA THR B 35 8.04 -21.96 21.46
C THR B 35 6.94 -22.94 21.92
N ASN B 36 7.37 -24.17 22.16
CA ASN B 36 6.53 -25.27 22.62
C ASN B 36 6.71 -25.36 24.14
N LEU B 37 5.66 -25.03 24.89
CA LEU B 37 5.63 -24.98 26.36
C LEU B 37 5.93 -26.34 27.05
N ASN B 38 5.82 -27.48 26.34
CA ASN B 38 6.07 -28.80 26.92
C ASN B 38 7.43 -29.41 26.48
N LYS B 39 8.26 -28.67 25.75
CA LYS B 39 9.55 -29.15 25.24
C LYS B 39 10.72 -28.49 25.94
N VAL B 40 11.77 -29.26 26.24
CA VAL B 40 13.01 -28.78 26.84
C VAL B 40 13.81 -28.09 25.74
N ASN B 41 14.43 -26.94 26.05
CA ASN B 41 15.27 -26.17 25.12
C ASN B 41 14.51 -25.88 23.81
N SER B 42 13.21 -25.54 23.93
CA SER B 42 12.37 -25.28 22.75
C SER B 42 12.89 -24.07 21.96
N VAL B 43 12.94 -24.20 20.63
CA VAL B 43 13.35 -23.15 19.69
C VAL B 43 12.36 -23.12 18.53
N GLY B 44 11.83 -21.95 18.26
CA GLY B 44 10.92 -21.73 17.14
C GLY B 44 11.26 -20.45 16.42
N ARG B 45 11.26 -20.50 15.07
CA ARG B 45 11.58 -19.31 14.27
C ARG B 45 10.63 -19.21 13.07
N VAL B 46 10.33 -17.97 12.69
CA VAL B 46 9.52 -17.66 11.51
C VAL B 46 10.34 -16.73 10.60
N LEU B 47 10.36 -17.00 9.32
CA LEU B 47 11.09 -16.19 8.36
C LEU B 47 10.19 -15.84 7.21
N TYR B 48 10.35 -14.61 6.70
CA TYR B 48 9.65 -14.23 5.48
C TYR B 48 10.32 -15.07 4.40
N ALA B 49 9.54 -15.90 3.68
CA ALA B 49 10.06 -16.92 2.75
C ALA B 49 10.90 -16.38 1.59
N MET B 50 10.58 -15.18 1.10
CA MET B 50 11.35 -14.61 -0.01
C MET B 50 12.64 -13.96 0.47
N PRO B 51 13.81 -14.27 -0.15
CA PRO B 51 15.03 -13.57 0.25
C PRO B 51 14.94 -12.10 -0.11
N VAL B 52 15.56 -11.27 0.70
CA VAL B 52 15.57 -9.82 0.51
C VAL B 52 17.02 -9.42 0.16
N ARG B 53 17.19 -8.73 -0.96
CA ARG B 53 18.47 -8.27 -1.46
C ARG B 53 18.77 -6.94 -0.78
N ILE B 54 19.52 -6.98 0.36
CA ILE B 54 19.87 -5.83 1.21
C ILE B 54 21.07 -5.02 0.71
N TRP B 55 21.76 -5.49 -0.37
CA TRP B 55 22.89 -4.78 -0.95
C TRP B 55 23.34 -5.46 -2.24
N SER B 56 24.06 -4.71 -3.08
CA SER B 56 24.49 -5.21 -4.41
C SER B 56 25.98 -5.06 -4.61
N SER B 57 26.65 -6.19 -4.88
CA SER B 57 28.09 -6.26 -5.13
C SER B 57 28.49 -5.48 -6.40
N ALA B 58 27.54 -5.29 -7.34
CA ALA B 58 27.74 -4.57 -8.59
C ALA B 58 27.79 -3.04 -8.39
N THR B 59 26.82 -2.46 -7.64
CA THR B 59 26.74 -1.01 -7.43
C THR B 59 27.37 -0.53 -6.12
N GLY B 60 27.46 -1.43 -5.14
CA GLY B 60 27.93 -1.09 -3.80
C GLY B 60 26.82 -0.49 -2.94
N ASN B 61 25.58 -0.37 -3.50
CA ASN B 61 24.40 0.19 -2.83
C ASN B 61 23.85 -0.74 -1.75
N VAL B 62 23.36 -0.15 -0.64
CA VAL B 62 22.78 -0.85 0.50
C VAL B 62 21.31 -0.40 0.65
N ALA B 63 20.39 -1.33 0.91
CA ALA B 63 18.99 -1.00 1.07
C ALA B 63 18.70 -0.35 2.41
N SER B 64 17.64 0.45 2.44
CA SER B 64 17.10 1.00 3.68
C SER B 64 15.85 0.22 3.94
N PHE B 65 15.39 0.14 5.19
CA PHE B 65 14.12 -0.53 5.47
C PHE B 65 13.38 0.09 6.68
N LEU B 66 12.08 -0.15 6.70
CA LEU B 66 11.18 0.26 7.76
C LEU B 66 10.33 -0.95 8.11
N THR B 67 10.31 -1.30 9.37
CA THR B 67 9.51 -2.47 9.78
C THR B 67 8.84 -2.18 11.11
N SER B 68 7.64 -2.72 11.25
CA SER B 68 6.87 -2.60 12.49
C SER B 68 6.28 -3.95 12.85
N PHE B 69 6.34 -4.30 14.12
CA PHE B 69 5.77 -5.59 14.57
C PHE B 69 5.24 -5.46 16.00
N SER B 70 4.35 -6.38 16.35
CA SER B 70 3.83 -6.40 17.74
C SER B 70 3.96 -7.83 18.26
N PHE B 71 4.35 -7.93 19.52
CA PHE B 71 4.54 -9.24 20.16
C PHE B 71 4.00 -9.22 21.59
N GLU B 72 3.82 -10.41 22.15
CA GLU B 72 3.39 -10.57 23.55
C GLU B 72 4.14 -11.72 24.22
N MET B 73 4.62 -11.49 25.44
CA MET B 73 5.22 -12.54 26.24
C MET B 73 4.37 -12.72 27.50
N LYS B 74 3.99 -13.98 27.79
CA LYS B 74 3.14 -14.27 28.95
C LYS B 74 3.71 -15.39 29.80
N ASP B 75 3.70 -15.17 31.11
CA ASP B 75 4.21 -16.14 32.08
C ASP B 75 3.27 -17.36 32.11
N ILE B 76 3.84 -18.52 32.39
CA ILE B 76 3.06 -19.75 32.61
C ILE B 76 3.43 -20.25 33.99
N LYS B 77 2.54 -21.05 34.57
CA LYS B 77 2.74 -21.59 35.93
C LYS B 77 3.98 -22.48 35.98
N ASP B 78 4.71 -22.42 37.09
CA ASP B 78 5.89 -23.27 37.45
C ASP B 78 7.19 -22.84 36.75
N TYR B 79 7.16 -22.63 35.46
CA TYR B 79 8.39 -22.26 34.71
C TYR B 79 8.80 -20.81 34.94
N ASP B 80 10.10 -20.58 34.89
CA ASP B 80 10.70 -19.23 34.97
C ASP B 80 10.45 -18.54 33.62
N PRO B 81 9.85 -17.34 33.58
CA PRO B 81 9.55 -16.66 32.31
C PRO B 81 10.82 -16.32 31.52
N ALA B 82 11.12 -17.17 30.54
CA ALA B 82 12.35 -17.06 29.75
C ALA B 82 12.14 -17.72 28.36
N ASP B 83 12.94 -17.38 27.31
CA ASP B 83 14.12 -16.51 27.34
C ASP B 83 13.98 -15.17 26.58
N GLY B 84 12.96 -15.06 25.74
CA GLY B 84 12.76 -13.82 24.98
C GLY B 84 12.63 -14.03 23.49
N ILE B 85 12.52 -12.90 22.79
CA ILE B 85 12.33 -12.88 21.31
C ILE B 85 13.43 -12.03 20.66
N ILE B 86 13.91 -12.47 19.50
CA ILE B 86 14.85 -11.70 18.68
C ILE B 86 14.30 -11.54 17.24
N PHE B 87 14.26 -10.30 16.81
CA PHE B 87 13.94 -9.93 15.43
C PHE B 87 15.29 -9.97 14.75
N PHE B 88 15.47 -10.85 13.77
CA PHE B 88 16.81 -11.02 13.19
C PHE B 88 16.86 -11.05 11.67
N ILE B 89 18.08 -10.85 11.16
CA ILE B 89 18.47 -10.84 9.74
C ILE B 89 19.62 -11.78 9.61
N ALA B 90 19.55 -12.72 8.67
CA ALA B 90 20.60 -13.70 8.53
C ALA B 90 20.74 -14.18 7.09
N PRO B 91 21.82 -14.92 6.71
CA PRO B 91 21.93 -15.41 5.33
C PRO B 91 20.67 -16.20 4.92
N GLU B 92 20.33 -16.20 3.63
CA GLU B 92 19.10 -16.86 3.17
C GLU B 92 19.04 -18.36 3.51
N ASP B 93 20.20 -19.04 3.71
CA ASP B 93 20.23 -20.49 4.04
C ASP B 93 20.07 -20.75 5.55
N THR B 94 19.79 -19.70 6.36
CA THR B 94 19.71 -19.77 7.83
C THR B 94 18.75 -20.89 8.32
N GLN B 95 19.23 -21.62 9.31
CA GLN B 95 18.52 -22.67 10.02
C GLN B 95 18.82 -22.54 11.50
N ILE B 96 17.95 -23.13 12.36
CA ILE B 96 18.21 -23.18 13.81
C ILE B 96 19.61 -23.82 13.97
N PRO B 97 20.57 -23.23 14.74
CA PRO B 97 21.89 -23.87 14.87
C PRO B 97 21.75 -25.37 15.28
N ALA B 98 22.52 -26.26 14.65
CA ALA B 98 22.46 -27.70 14.95
C ALA B 98 22.86 -27.95 16.40
N GLY B 99 22.04 -28.73 17.09
CA GLY B 99 22.22 -29.09 18.50
C GLY B 99 21.97 -27.91 19.45
N SER B 100 21.13 -26.93 19.01
CA SER B 100 20.76 -25.73 19.76
C SER B 100 20.29 -26.06 21.18
N ILE B 101 20.83 -25.35 22.14
CA ILE B 101 20.47 -25.52 23.55
C ILE B 101 19.32 -24.54 23.92
N GLY B 102 18.79 -23.80 22.93
CA GLY B 102 17.75 -22.80 23.18
C GLY B 102 18.21 -21.80 24.21
N GLY B 103 17.41 -21.57 25.24
CA GLY B 103 17.80 -20.71 26.37
C GLY B 103 18.21 -19.30 25.96
N GLY B 104 19.32 -18.83 26.53
CA GLY B 104 19.91 -17.52 26.25
C GLY B 104 20.45 -17.36 24.84
N THR B 105 20.58 -18.47 24.05
CA THR B 105 21.06 -18.38 22.64
C THR B 105 19.98 -17.72 21.72
N LEU B 106 18.71 -17.67 22.21
CA LEU B 106 17.51 -17.12 21.56
C LEU B 106 17.22 -17.77 20.20
N GLY B 107 17.77 -18.98 20.01
CA GLY B 107 17.61 -19.77 18.78
C GLY B 107 18.40 -19.29 17.57
N VAL B 108 19.35 -18.37 17.74
CA VAL B 108 20.12 -17.85 16.61
C VAL B 108 21.64 -18.08 16.76
N SER B 109 22.09 -18.51 17.95
CA SER B 109 23.53 -18.68 18.15
C SER B 109 23.89 -20.07 18.71
N ASP B 110 25.21 -20.34 18.77
CA ASP B 110 25.73 -21.59 19.34
C ASP B 110 25.81 -21.40 20.87
N THR B 111 26.33 -22.39 21.59
CA THR B 111 26.45 -22.38 23.06
C THR B 111 27.32 -21.20 23.53
N LYS B 112 28.38 -20.85 22.78
CA LYS B 112 29.27 -19.73 23.15
C LYS B 112 28.64 -18.34 22.84
N GLY B 113 27.45 -18.35 22.24
CA GLY B 113 26.66 -17.17 21.92
C GLY B 113 26.98 -16.52 20.60
N ALA B 114 27.68 -17.23 19.72
CA ALA B 114 28.09 -16.71 18.42
C ALA B 114 27.25 -17.30 17.28
N GLY B 115 27.08 -16.52 16.25
CA GLY B 115 26.33 -16.91 15.07
C GLY B 115 26.52 -15.92 13.95
N HIS B 116 25.80 -16.12 12.85
CA HIS B 116 25.87 -15.23 11.68
C HIS B 116 24.48 -14.55 11.52
N PHE B 117 24.33 -13.35 12.12
CA PHE B 117 23.05 -12.63 12.13
C PHE B 117 23.20 -11.23 12.67
N VAL B 118 22.19 -10.38 12.42
CA VAL B 118 22.09 -9.06 13.01
C VAL B 118 20.69 -9.05 13.61
N GLY B 119 20.56 -8.62 14.86
CA GLY B 119 19.24 -8.63 15.46
C GLY B 119 18.92 -7.61 16.53
N VAL B 120 17.67 -7.61 16.93
CA VAL B 120 17.09 -6.76 17.98
C VAL B 120 16.41 -7.74 18.95
N GLU B 121 16.99 -7.89 20.13
CA GLU B 121 16.47 -8.82 21.13
C GLU B 121 15.68 -8.13 22.23
N PHE B 122 14.66 -8.85 22.67
CA PHE B 122 13.74 -8.49 23.75
C PHE B 122 13.93 -9.57 24.79
N ASP B 123 15.02 -9.39 25.54
CA ASP B 123 15.58 -10.35 26.46
C ASP B 123 14.98 -10.34 27.89
N THR B 124 14.37 -11.49 28.31
CA THR B 124 13.73 -11.58 29.64
C THR B 124 14.46 -12.45 30.69
N TYR B 125 15.77 -12.78 30.47
CA TYR B 125 16.58 -13.58 31.40
C TYR B 125 18.04 -13.15 31.32
N SER B 126 18.66 -12.90 32.48
CA SER B 126 20.04 -12.43 32.57
C SER B 126 21.04 -13.59 32.61
N ASN B 127 21.61 -13.90 31.43
CA ASN B 127 22.62 -14.90 31.17
C ASN B 127 23.99 -14.30 31.35
N SER B 128 24.65 -14.56 32.51
CA SER B 128 25.99 -14.04 32.83
C SER B 128 27.00 -14.50 31.78
N GLU B 129 26.80 -15.71 31.19
CA GLU B 129 27.64 -16.32 30.17
C GLU B 129 27.63 -15.50 28.85
N TYR B 130 26.61 -14.63 28.65
CA TYR B 130 26.55 -13.75 27.46
C TYR B 130 26.64 -12.28 27.87
N ASN B 131 27.15 -12.02 29.12
CA ASN B 131 27.34 -10.69 29.71
C ASN B 131 26.05 -9.85 29.65
N ASP B 132 24.90 -10.50 29.92
CA ASP B 132 23.61 -9.84 29.92
C ASP B 132 23.53 -8.77 31.02
N PRO B 133 22.89 -7.59 30.78
CA PRO B 133 22.70 -6.64 31.90
C PRO B 133 21.82 -7.29 33.00
N PRO B 134 21.77 -6.74 34.24
CA PRO B 134 21.04 -7.47 35.31
C PRO B 134 19.51 -7.51 35.18
N THR B 135 18.88 -6.62 34.38
CA THR B 135 17.41 -6.58 34.24
C THR B 135 16.98 -6.94 32.80
N ASP B 136 15.64 -6.98 32.53
CA ASP B 136 15.13 -7.16 31.16
C ASP B 136 15.70 -6.04 30.28
N HIS B 137 16.02 -6.36 29.01
CA HIS B 137 16.64 -5.37 28.14
C HIS B 137 16.35 -5.61 26.68
N VAL B 138 16.46 -4.53 25.93
CA VAL B 138 16.41 -4.54 24.48
C VAL B 138 17.86 -4.43 24.10
N GLY B 139 18.28 -5.26 23.20
CA GLY B 139 19.67 -5.23 22.79
C GLY B 139 19.77 -5.27 21.29
N ILE B 140 20.89 -4.75 20.80
CA ILE B 140 21.27 -4.79 19.36
C ILE B 140 22.41 -5.80 19.26
N ASP B 141 22.23 -6.82 18.44
CA ASP B 141 23.14 -7.96 18.33
C ASP B 141 23.78 -8.05 16.99
N VAL B 142 25.10 -8.22 16.98
CA VAL B 142 25.87 -8.36 15.73
C VAL B 142 26.73 -9.63 15.88
N ASN B 143 26.22 -10.76 15.31
CA ASN B 143 26.85 -12.07 15.27
C ASN B 143 27.06 -12.67 16.68
N SER B 144 26.32 -12.18 17.69
CA SER B 144 26.45 -12.60 19.07
C SER B 144 25.27 -12.18 19.91
N VAL B 145 24.90 -13.02 20.90
CA VAL B 145 23.86 -12.70 21.87
C VAL B 145 24.52 -11.91 23.03
N ASP B 146 25.84 -11.67 22.94
CA ASP B 146 26.57 -10.74 23.81
C ASP B 146 26.44 -9.40 23.03
N SER B 147 25.35 -8.68 23.31
CA SER B 147 24.91 -7.48 22.61
C SER B 147 25.98 -6.42 22.50
N VAL B 148 26.05 -5.78 21.32
CA VAL B 148 26.92 -4.61 21.07
C VAL B 148 26.44 -3.47 21.97
N LYS B 149 25.13 -3.40 22.22
CA LYS B 149 24.53 -2.34 23.04
C LYS B 149 23.19 -2.81 23.57
N THR B 150 22.84 -2.40 24.79
CA THR B 150 21.54 -2.71 25.40
C THR B 150 20.98 -1.45 26.04
N VAL B 151 19.70 -1.49 26.34
CA VAL B 151 18.99 -0.43 27.05
C VAL B 151 18.05 -1.14 28.07
N PRO B 152 17.98 -0.68 29.35
CA PRO B 152 17.04 -1.32 30.29
C PRO B 152 15.60 -1.22 29.79
N TRP B 153 14.85 -2.31 29.98
CA TRP B 153 13.48 -2.40 29.53
C TRP B 153 12.73 -3.29 30.54
N ASN B 154 11.42 -3.43 30.41
CA ASN B 154 10.62 -4.25 31.31
C ASN B 154 9.61 -5.04 30.51
N SER B 155 9.72 -6.38 30.55
CA SER B 155 8.78 -7.25 29.85
C SER B 155 7.62 -7.55 30.78
N VAL B 156 6.44 -7.02 30.44
CA VAL B 156 5.23 -7.16 31.24
C VAL B 156 4.42 -8.36 30.68
N SER B 157 4.15 -9.34 31.55
CA SER B 157 3.42 -10.56 31.19
C SER B 157 2.03 -10.22 30.70
N GLY B 158 1.69 -10.70 29.50
CA GLY B 158 0.40 -10.48 28.86
C GLY B 158 0.24 -9.13 28.19
N ALA B 159 1.31 -8.30 28.18
CA ALA B 159 1.22 -6.96 27.57
C ALA B 159 1.56 -7.01 26.09
N VAL B 160 0.79 -6.28 25.28
CA VAL B 160 1.06 -6.17 23.84
C VAL B 160 2.10 -5.05 23.68
N VAL B 161 3.23 -5.38 23.05
CA VAL B 161 4.37 -4.49 22.82
C VAL B 161 4.43 -4.16 21.31
N LYS B 162 4.61 -2.89 20.97
CA LYS B 162 4.73 -2.39 19.61
C LYS B 162 6.17 -1.93 19.35
N VAL B 163 6.75 -2.37 18.24
CA VAL B 163 8.13 -2.04 17.88
C VAL B 163 8.16 -1.42 16.48
N THR B 164 9.03 -0.46 16.28
CA THR B 164 9.30 0.15 15.01
C THR B 164 10.80 0.19 14.83
N VAL B 165 11.27 -0.26 13.67
CA VAL B 165 12.69 -0.30 13.34
C VAL B 165 12.94 0.44 12.01
N ILE B 166 13.97 1.29 12.00
CA ILE B 166 14.41 1.97 10.81
C ILE B 166 15.87 1.66 10.58
N TYR B 167 16.19 1.18 9.37
CA TYR B 167 17.58 1.06 8.98
C TYR B 167 17.83 2.08 7.88
N ASP B 168 18.72 3.02 8.17
CA ASP B 168 19.11 4.06 7.22
C ASP B 168 20.45 3.63 6.57
N SER B 169 20.43 3.24 5.31
CA SER B 169 21.61 2.71 4.61
C SER B 169 22.79 3.71 4.55
N SER B 170 22.54 5.02 4.32
CA SER B 170 23.59 6.04 4.20
C SER B 170 24.42 6.21 5.51
N THR B 171 23.78 6.27 6.68
CA THR B 171 24.51 6.40 7.95
C THR B 171 24.80 5.02 8.59
N LYS B 172 24.21 3.95 8.02
CA LYS B 172 24.30 2.55 8.51
C LYS B 172 23.67 2.44 9.93
N THR B 173 22.71 3.32 10.23
CA THR B 173 22.09 3.34 11.55
C THR B 173 20.86 2.47 11.62
N LEU B 174 20.84 1.59 12.63
CA LEU B 174 19.73 0.72 13.00
C LEU B 174 19.07 1.39 14.19
N SER B 175 17.85 1.92 14.00
CA SER B 175 17.10 2.64 15.04
C SER B 175 15.83 1.89 15.46
N VAL B 176 15.63 1.75 16.78
CA VAL B 176 14.53 0.96 17.36
C VAL B 176 13.75 1.78 18.38
N ALA B 177 12.43 1.78 18.25
CA ALA B 177 11.52 2.42 19.20
C ALA B 177 10.52 1.35 19.67
N VAL B 178 10.45 1.16 21.00
CA VAL B 178 9.62 0.13 21.65
C VAL B 178 8.56 0.84 22.52
N THR B 179 7.29 0.57 22.26
CA THR B 179 6.17 1.16 22.97
C THR B 179 5.60 0.13 23.92
N ASN B 180 5.88 0.39 25.22
CA ASN B 180 5.49 -0.32 26.44
C ASN B 180 3.99 -0.14 26.72
N ASP B 181 3.42 -1.00 27.59
CA ASP B 181 2.00 -1.01 27.96
C ASP B 181 1.63 0.27 28.76
N ASN B 182 2.54 0.74 29.65
CA ASN B 182 2.38 1.93 30.49
C ASN B 182 2.44 3.27 29.67
N GLY B 183 2.61 3.18 28.36
CA GLY B 183 2.65 4.34 27.46
C GLY B 183 3.99 4.98 27.16
N ASP B 184 5.04 4.65 27.94
CA ASP B 184 6.39 5.18 27.74
C ASP B 184 7.06 4.54 26.51
N ILE B 185 8.02 5.25 25.92
CA ILE B 185 8.78 4.73 24.79
C ILE B 185 10.23 4.44 25.25
N THR B 186 10.79 3.37 24.69
CA THR B 186 12.17 2.95 24.92
C THR B 186 12.85 2.96 23.57
N THR B 187 14.02 3.60 23.44
CA THR B 187 14.71 3.59 22.14
C THR B 187 16.13 3.08 22.30
N ILE B 188 16.68 2.57 21.18
CA ILE B 188 18.05 2.10 21.11
C ILE B 188 18.48 2.21 19.65
N ALA B 189 19.69 2.72 19.42
CA ALA B 189 20.20 2.88 18.06
C ALA B 189 21.69 2.55 18.01
N GLN B 190 22.15 1.97 16.90
CA GLN B 190 23.54 1.56 16.74
C GLN B 190 23.91 1.58 15.27
N VAL B 191 25.13 2.03 14.98
CA VAL B 191 25.64 1.97 13.62
C VAL B 191 26.03 0.51 13.37
N VAL B 192 25.41 -0.13 12.36
CA VAL B 192 25.65 -1.52 11.97
C VAL B 192 25.79 -1.55 10.46
N ASP B 193 26.99 -1.95 9.96
CA ASP B 193 27.24 -2.04 8.52
C ASP B 193 26.76 -3.42 8.01
N LEU B 194 25.50 -3.48 7.52
CA LEU B 194 24.88 -4.70 7.05
C LEU B 194 25.65 -5.34 5.87
N LYS B 195 26.20 -4.50 4.97
CA LYS B 195 27.04 -4.89 3.81
C LYS B 195 28.33 -5.61 4.26
N ALA B 196 28.88 -5.25 5.45
CA ALA B 196 30.09 -5.85 6.00
C ALA B 196 29.83 -7.09 6.83
N LYS B 197 28.62 -7.22 7.41
CA LYS B 197 28.33 -8.31 8.32
C LYS B 197 27.44 -9.37 7.71
N LEU B 198 26.71 -9.06 6.60
CA LEU B 198 25.79 -10.02 6.03
C LEU B 198 25.94 -10.19 4.49
N PRO B 199 25.53 -11.34 3.92
CA PRO B 199 25.56 -11.47 2.46
C PRO B 199 24.54 -10.56 1.76
N GLU B 200 24.62 -10.51 0.41
CA GLU B 200 23.74 -9.66 -0.39
C GLU B 200 22.27 -10.00 -0.21
N ARG B 201 21.96 -11.30 -0.17
CA ARG B 201 20.64 -11.89 0.00
C ARG B 201 20.46 -12.40 1.40
N VAL B 202 19.39 -11.95 2.06
CA VAL B 202 19.14 -12.34 3.44
C VAL B 202 17.70 -12.73 3.67
N LYS B 203 17.43 -13.29 4.86
CA LYS B 203 16.10 -13.54 5.30
C LYS B 203 15.87 -12.77 6.59
N PHE B 204 14.64 -12.27 6.75
CA PHE B 204 14.19 -11.56 7.93
C PHE B 204 13.23 -12.40 8.69
N GLY B 205 13.26 -12.31 10.02
CA GLY B 205 12.33 -13.09 10.84
C GLY B 205 12.41 -12.88 12.35
N PHE B 206 11.73 -13.77 13.07
CA PHE B 206 11.66 -13.77 14.55
C PHE B 206 12.03 -15.16 15.08
N SER B 207 12.75 -15.15 16.19
CA SER B 207 13.14 -16.39 16.87
C SER B 207 12.90 -16.23 18.38
N ALA B 208 12.58 -17.33 19.02
CA ALA B 208 12.42 -17.38 20.48
C ALA B 208 12.87 -18.74 20.98
N SER B 209 13.30 -18.80 22.24
CA SER B 209 13.74 -20.04 22.86
C SER B 209 13.47 -20.07 24.35
N GLY B 210 13.57 -21.27 24.88
CA GLY B 210 13.44 -21.60 26.29
C GLY B 210 14.43 -22.67 26.69
N SER B 211 14.46 -22.99 27.97
CA SER B 211 15.33 -24.02 28.47
C SER B 211 14.50 -25.13 29.18
N LEU B 212 15.09 -25.90 30.13
CA LEU B 212 14.34 -26.92 30.89
C LEU B 212 13.37 -26.22 31.87
N GLY B 213 13.89 -25.31 32.68
CA GLY B 213 13.11 -24.56 33.65
C GLY B 213 12.63 -23.18 33.25
N GLY B 214 13.08 -22.68 32.06
CA GLY B 214 12.76 -21.36 31.52
C GLY B 214 11.86 -21.45 30.30
N ARG B 215 10.57 -21.22 30.52
CA ARG B 215 9.53 -21.33 29.50
C ARG B 215 8.49 -20.23 29.69
N GLN B 216 7.97 -19.71 28.57
CA GLN B 216 6.92 -18.68 28.53
C GLN B 216 6.26 -18.70 27.15
N ILE B 217 5.13 -18.04 27.07
CA ILE B 217 4.44 -17.91 25.76
C ILE B 217 5.17 -16.79 25.00
N HIS B 218 5.62 -17.08 23.78
CA HIS B 218 6.23 -16.04 22.91
C HIS B 218 5.30 -15.92 21.70
N LEU B 219 4.64 -14.78 21.55
CA LEU B 219 3.65 -14.60 20.46
C LEU B 219 4.07 -13.47 19.51
N ILE B 220 4.01 -13.70 18.21
CA ILE B 220 4.16 -12.60 17.22
C ILE B 220 2.74 -12.31 16.74
N ARG B 221 2.30 -11.07 16.90
CA ARG B 221 0.90 -10.69 16.60
C ARG B 221 0.72 -10.08 15.22
N SER B 222 1.67 -9.27 14.79
CA SER B 222 1.60 -8.60 13.48
C SER B 222 3.01 -8.21 13.01
N TRP B 223 3.14 -7.97 11.71
CA TRP B 223 4.45 -7.59 11.10
C TRP B 223 4.23 -6.93 9.75
N SER B 224 4.73 -5.71 9.61
CA SER B 224 4.73 -5.02 8.32
C SER B 224 6.17 -4.63 8.02
N PHE B 225 6.57 -4.69 6.74
CA PHE B 225 7.96 -4.43 6.34
C PHE B 225 8.02 -3.80 4.93
N THR B 226 8.95 -2.89 4.73
CA THR B 226 9.26 -2.29 3.41
C THR B 226 10.74 -2.02 3.34
N SER B 227 11.39 -2.51 2.28
CA SER B 227 12.79 -2.27 2.01
C SER B 227 12.93 -1.76 0.60
N THR B 228 13.86 -0.85 0.37
CA THR B 228 14.10 -0.29 -0.95
C THR B 228 15.59 -0.20 -1.17
N LEU B 229 16.03 -0.81 -2.29
CA LEU B 229 17.41 -0.84 -2.77
C LEU B 229 17.46 -0.05 -4.07
N ILE B 230 18.34 0.96 -4.11
CA ILE B 230 18.54 1.77 -5.30
C ILE B 230 19.32 0.91 -6.32
N THR B 231 18.76 0.76 -7.52
CA THR B 231 19.34 -0.06 -8.60
C THR B 231 19.98 0.80 -9.69
N THR B 232 21.00 0.24 -10.39
CA THR B 232 21.74 0.84 -11.49
C THR B 232 20.80 1.35 -12.61
N ALA C 1 9.84 8.36 35.06
CA ALA C 1 10.05 8.97 33.75
C ALA C 1 8.88 9.88 33.35
N GLU C 2 9.20 10.95 32.60
CA GLU C 2 8.27 11.95 32.11
C GLU C 2 7.91 11.66 30.65
N THR C 3 6.63 11.35 30.40
CA THR C 3 6.15 10.98 29.08
C THR C 3 5.02 11.91 28.60
N VAL C 4 5.14 12.37 27.34
CA VAL C 4 4.14 13.14 26.61
C VAL C 4 3.65 12.21 25.50
N SER C 5 2.34 11.98 25.46
CA SER C 5 1.76 11.12 24.46
C SER C 5 0.44 11.69 23.98
N PHE C 6 0.26 11.71 22.66
CA PHE C 6 -0.99 12.18 22.06
C PHE C 6 -1.20 11.51 20.68
N ASN C 7 -2.44 11.55 20.18
CA ASN C 7 -2.80 11.00 18.87
C ASN C 7 -3.93 11.84 18.26
N PHE C 8 -3.75 12.21 16.99
CA PHE C 8 -4.71 12.97 16.20
C PHE C 8 -5.05 12.19 14.94
N ASN C 9 -6.29 11.72 14.86
CA ASN C 9 -6.81 11.02 13.69
C ASN C 9 -7.43 12.05 12.75
N SER C 10 -7.81 13.18 13.34
CA SER C 10 -8.42 14.37 12.68
C SER C 10 -8.16 15.63 13.53
N PHE C 11 -8.23 16.80 12.92
CA PHE C 11 -7.96 18.04 13.68
C PHE C 11 -9.16 19.00 13.65
N SER C 12 -9.32 19.82 14.68
CA SER C 12 -10.39 20.86 14.64
C SER C 12 -9.81 22.21 15.04
N GLU C 13 -10.29 23.26 14.37
CA GLU C 13 -9.83 24.63 14.59
C GLU C 13 -10.25 25.14 15.98
N GLY C 14 -11.32 24.55 16.51
CA GLY C 14 -11.86 24.89 17.81
C GLY C 14 -11.02 24.43 18.98
N ASN C 15 -10.47 23.20 18.88
CA ASN C 15 -9.69 22.48 19.91
C ASN C 15 -8.47 23.26 20.47
N PRO C 16 -8.32 23.23 21.83
CA PRO C 16 -7.20 23.96 22.46
C PRO C 16 -5.82 23.26 22.43
N ALA C 17 -5.76 21.93 22.10
CA ALA C 17 -4.52 21.15 22.07
C ALA C 17 -3.57 21.57 20.94
N ILE C 18 -4.08 22.34 19.97
CA ILE C 18 -3.29 22.82 18.84
C ILE C 18 -3.33 24.37 18.76
N ASN C 19 -2.17 24.99 18.41
CA ASN C 19 -1.97 26.41 18.14
C ASN C 19 -1.91 26.60 16.64
N PHE C 20 -2.78 27.47 16.13
CA PHE C 20 -2.85 27.80 14.71
C PHE C 20 -2.16 29.12 14.45
N GLN C 21 -1.23 29.13 13.49
CA GLN C 21 -0.46 30.31 13.14
C GLN C 21 -0.58 30.62 11.66
N GLY C 22 -0.80 31.89 11.36
CA GLY C 22 -0.90 32.37 9.99
C GLY C 22 -2.13 31.92 9.23
N ASP C 23 -1.92 31.49 7.97
CA ASP C 23 -2.97 31.14 7.03
C ASP C 23 -3.46 29.67 7.12
N VAL C 24 -3.40 29.04 8.31
CA VAL C 24 -3.88 27.66 8.46
C VAL C 24 -5.38 27.63 8.64
N THR C 25 -6.01 26.66 7.96
CA THR C 25 -7.44 26.39 8.10
C THR C 25 -7.62 24.90 8.39
N VAL C 26 -8.76 24.55 8.99
CA VAL C 26 -9.14 23.16 9.21
C VAL C 26 -10.30 22.88 8.24
N LEU C 27 -10.15 21.88 7.34
CA LEU C 27 -11.21 21.54 6.40
C LEU C 27 -12.30 20.71 7.12
N SER C 28 -13.53 20.71 6.58
CA SER C 28 -14.65 19.97 7.17
C SER C 28 -14.36 18.46 7.25
N ASN C 29 -13.44 17.95 6.39
CA ASN C 29 -13.02 16.55 6.39
C ASN C 29 -12.04 16.23 7.54
N GLY C 30 -11.52 17.27 8.20
CA GLY C 30 -10.63 17.16 9.37
C GLY C 30 -9.15 17.41 9.10
N ASN C 31 -8.76 17.59 7.84
CA ASN C 31 -7.36 17.83 7.45
C ASN C 31 -6.94 19.27 7.73
N ILE C 32 -5.67 19.49 8.04
CA ILE C 32 -5.15 20.86 8.26
C ILE C 32 -4.59 21.33 6.93
N GLN C 33 -5.03 22.45 6.40
CA GLN C 33 -4.43 22.98 5.16
C GLN C 33 -3.55 24.15 5.58
N LEU C 34 -2.24 24.02 5.46
CA LEU C 34 -1.27 25.03 5.94
C LEU C 34 -1.25 26.33 5.15
N THR C 35 -1.33 26.31 3.82
CA THR C 35 -1.24 27.58 3.07
C THR C 35 -2.60 27.97 2.45
N ASN C 36 -2.75 29.26 2.14
CA ASN C 36 -3.90 29.86 1.47
C ASN C 36 -3.54 30.00 -0.01
N LEU C 37 -4.25 29.25 -0.86
CA LEU C 37 -4.04 29.17 -2.31
C LEU C 37 -4.25 30.51 -3.07
N ASN C 38 -4.91 31.51 -2.45
CA ASN C 38 -5.18 32.80 -3.09
C ASN C 38 -4.29 33.95 -2.52
N LYS C 39 -3.32 33.63 -1.64
CA LYS C 39 -2.46 34.62 -1.00
C LYS C 39 -1.03 34.52 -1.49
N VAL C 40 -0.39 35.70 -1.71
CA VAL C 40 1.02 35.79 -2.11
C VAL C 40 1.86 35.54 -0.86
N ASN C 41 2.96 34.75 -0.98
CA ASN C 41 3.89 34.41 0.10
C ASN C 41 3.15 33.84 1.33
N SER C 42 2.12 32.99 1.09
CA SER C 42 1.33 32.39 2.16
C SER C 42 2.19 31.53 3.09
N VAL C 43 1.96 31.67 4.42
CA VAL C 43 2.64 30.89 5.45
C VAL C 43 1.61 30.44 6.48
N GLY C 44 1.61 29.15 6.77
CA GLY C 44 0.72 28.59 7.77
C GLY C 44 1.44 27.54 8.59
N ARG C 45 1.25 27.59 9.91
CA ARG C 45 1.88 26.63 10.81
C ARG C 45 0.92 26.13 11.88
N VAL C 46 1.22 24.92 12.35
CA VAL C 46 0.48 24.31 13.44
C VAL C 46 1.48 23.84 14.52
N LEU C 47 1.04 23.88 15.79
CA LEU C 47 1.89 23.46 16.90
C LEU C 47 1.09 22.78 17.95
N TYR C 48 1.63 21.72 18.54
CA TYR C 48 1.00 21.08 19.69
C TYR C 48 1.11 22.13 20.80
N ALA C 49 -0.02 22.58 21.34
CA ALA C 49 -0.09 23.74 22.26
C ALA C 49 0.72 23.57 23.55
N MET C 50 0.83 22.35 24.10
CA MET C 50 1.59 22.15 25.33
C MET C 50 3.09 22.06 25.05
N PRO C 51 3.94 22.84 25.75
CA PRO C 51 5.40 22.68 25.54
C PRO C 51 5.84 21.30 26.05
N VAL C 52 6.78 20.66 25.33
CA VAL C 52 7.31 19.37 25.72
C VAL C 52 8.75 19.58 26.18
N ARG C 53 9.04 19.09 27.40
CA ARG C 53 10.37 19.13 28.00
C ARG C 53 11.22 18.01 27.37
N ILE C 54 12.14 18.39 26.48
CA ILE C 54 13.02 17.49 25.75
C ILE C 54 14.35 17.28 26.47
N TRP C 55 14.77 18.21 27.34
CA TRP C 55 15.98 18.00 28.14
C TRP C 55 15.88 18.74 29.47
N SER C 56 16.79 18.39 30.38
CA SER C 56 16.83 18.88 31.76
C SER C 56 18.16 19.50 32.10
N SER C 57 18.10 20.73 32.62
CA SER C 57 19.31 21.44 33.12
C SER C 57 19.73 20.86 34.49
N ALA C 58 18.81 20.14 35.17
CA ALA C 58 19.12 19.51 36.45
C ALA C 58 19.90 18.20 36.27
N THR C 59 19.41 17.28 35.41
CA THR C 59 20.05 15.96 35.23
C THR C 59 20.99 15.87 34.03
N GLY C 60 20.76 16.68 33.01
CA GLY C 60 21.49 16.62 31.75
C GLY C 60 20.89 15.62 30.79
N ASN C 61 19.80 14.94 31.23
CA ASN C 61 19.12 13.92 30.44
C ASN C 61 18.35 14.52 29.27
N VAL C 62 18.34 13.79 28.16
CA VAL C 62 17.67 14.17 26.90
C VAL C 62 16.60 13.10 26.62
N ALA C 63 15.40 13.54 26.21
CA ALA C 63 14.29 12.67 25.90
C ALA C 63 14.51 11.96 24.58
N SER C 64 13.93 10.76 24.45
CA SER C 64 13.82 10.07 23.18
C SER C 64 12.39 10.29 22.69
N PHE C 65 12.11 10.16 21.39
CA PHE C 65 10.73 10.26 20.94
C PHE C 65 10.49 9.43 19.70
N LEU C 66 9.22 9.09 19.49
CA LEU C 66 8.70 8.39 18.32
C LEU C 66 7.49 9.16 17.84
N THR C 67 7.48 9.52 16.57
CA THR C 67 6.36 10.27 16.05
C THR C 67 6.06 9.77 14.65
N SER C 68 4.79 9.76 14.33
CA SER C 68 4.30 9.37 13.02
C SER C 68 3.26 10.37 12.55
N PHE C 69 3.29 10.66 11.25
CA PHE C 69 2.31 11.61 10.66
C PHE C 69 2.10 11.28 9.18
N SER C 70 0.95 11.71 8.66
CA SER C 70 0.63 11.53 7.23
C SER C 70 0.28 12.90 6.67
N PHE C 71 0.70 13.16 5.46
CA PHE C 71 0.49 14.44 4.77
C PHE C 71 0.14 14.21 3.30
N GLU C 72 -0.32 15.26 2.64
CA GLU C 72 -0.65 15.22 1.19
C GLU C 72 -0.34 16.58 0.57
N MET C 73 0.36 16.59 -0.55
CA MET C 73 0.63 17.78 -1.34
C MET C 73 -0.01 17.57 -2.71
N LYS C 74 -0.80 18.56 -3.16
CA LYS C 74 -1.52 18.47 -4.42
C LYS C 74 -1.30 19.72 -5.29
N ASP C 75 -1.07 19.49 -6.59
CA ASP C 75 -0.89 20.53 -7.59
C ASP C 75 -2.18 21.26 -7.81
N ILE C 76 -2.07 22.55 -8.13
CA ILE C 76 -3.20 23.40 -8.46
C ILE C 76 -2.88 23.98 -9.84
N LYS C 77 -3.93 24.29 -10.62
CA LYS C 77 -3.77 24.82 -11.96
C LYS C 77 -3.07 26.19 -11.95
N ASP C 78 -2.20 26.41 -12.97
CA ASP C 78 -1.47 27.64 -13.30
C ASP C 78 -0.34 28.02 -12.28
N TYR C 79 -0.18 27.29 -11.16
CA TYR C 79 0.89 27.59 -10.21
C TYR C 79 1.92 26.47 -10.09
N ASP C 80 3.19 26.85 -9.86
CA ASP C 80 4.32 25.94 -9.64
C ASP C 80 4.07 25.22 -8.29
N PRO C 81 4.03 23.86 -8.21
CA PRO C 81 3.75 23.23 -6.91
C PRO C 81 4.92 23.44 -5.95
N ALA C 82 4.75 24.44 -5.07
CA ALA C 82 5.77 24.87 -4.13
C ALA C 82 5.13 25.38 -2.81
N ASP C 83 5.89 25.42 -1.68
CA ASP C 83 7.31 25.12 -1.56
C ASP C 83 7.63 23.84 -0.78
N GLY C 84 6.67 23.37 -0.01
CA GLY C 84 6.86 22.14 0.80
C GLY C 84 6.36 22.26 2.23
N ILE C 85 6.53 21.20 3.00
CA ILE C 85 6.10 21.12 4.42
C ILE C 85 7.34 20.82 5.27
N ILE C 86 7.41 21.37 6.46
CA ILE C 86 8.53 21.03 7.39
C ILE C 86 7.94 20.63 8.74
N PHE C 87 8.37 19.48 9.23
CA PHE C 87 8.02 19.01 10.57
C PHE C 87 9.10 19.60 11.43
N PHE C 88 8.75 20.50 12.37
CA PHE C 88 9.79 21.21 13.10
C PHE C 88 9.60 21.21 14.61
N ILE C 89 10.72 21.52 15.28
CA ILE C 89 10.89 21.64 16.73
C ILE C 89 11.50 23.03 16.98
N ALA C 90 10.94 23.80 17.88
CA ALA C 90 11.43 25.16 18.10
C ALA C 90 11.17 25.64 19.51
N PRO C 91 11.75 26.79 19.95
CA PRO C 91 11.44 27.28 21.31
C PRO C 91 9.93 27.47 21.50
N GLU C 92 9.44 27.37 22.75
CA GLU C 92 8.00 27.45 23.00
C GLU C 92 7.36 28.80 22.55
N ASP C 93 8.14 29.90 22.45
CA ASP C 93 7.62 31.20 22.01
C ASP C 93 7.63 31.36 20.47
N THR C 94 7.91 30.28 19.72
CA THR C 94 8.03 30.34 18.26
C THR C 94 6.81 30.96 17.56
N GLN C 95 7.09 31.85 16.60
CA GLN C 95 6.13 32.54 15.75
C GLN C 95 6.66 32.56 14.33
N ILE C 96 5.77 32.76 13.33
CA ILE C 96 6.18 32.91 11.93
C ILE C 96 7.19 34.08 11.89
N PRO C 97 8.40 33.95 11.27
CA PRO C 97 9.33 35.09 11.25
C PRO C 97 8.66 36.36 10.73
N ALA C 98 8.92 37.51 11.40
CA ALA C 98 8.33 38.80 11.03
C ALA C 98 8.72 39.19 9.61
N GLY C 99 7.72 39.54 8.80
CA GLY C 99 7.88 39.92 7.40
C GLY C 99 8.30 38.78 6.50
N SER C 100 7.88 37.54 6.87
CA SER C 100 8.19 36.30 6.16
C SER C 100 7.83 36.39 4.68
N ILE C 101 8.78 35.99 3.83
CA ILE C 101 8.61 36.00 2.37
C ILE C 101 8.05 34.64 1.89
N GLY C 102 7.73 33.73 2.83
CA GLY C 102 7.25 32.40 2.52
C GLY C 102 8.27 31.68 1.66
N GLY C 103 7.85 31.17 0.51
CA GLY C 103 8.74 30.53 -0.44
C GLY C 103 9.68 29.48 0.13
N GLY C 104 10.96 29.57 -0.21
CA GLY C 104 11.99 28.62 0.21
C GLY C 104 12.31 28.58 1.69
N THR C 105 11.76 29.55 2.47
CA THR C 105 11.99 29.65 3.91
C THR C 105 11.14 28.61 4.66
N LEU C 106 10.07 28.10 4.00
CA LEU C 106 9.14 27.10 4.52
C LEU C 106 8.41 27.59 5.80
N GLY C 107 8.38 28.91 5.99
CA GLY C 107 7.74 29.55 7.13
C GLY C 107 8.46 29.46 8.46
N VAL C 108 9.72 29.00 8.47
CA VAL C 108 10.47 28.82 9.73
C VAL C 108 11.75 29.67 9.77
N SER C 109 12.16 30.27 8.64
CA SER C 109 13.41 31.02 8.60
C SER C 109 13.27 32.43 8.02
N ASP C 110 14.34 33.22 8.11
CA ASP C 110 14.39 34.56 7.54
C ASP C 110 14.74 34.44 6.05
N THR C 111 14.90 35.56 5.34
CA THR C 111 15.23 35.61 3.91
C THR C 111 16.58 34.91 3.62
N LYS C 112 17.58 35.03 4.54
CA LYS C 112 18.89 34.38 4.38
C LYS C 112 18.84 32.86 4.69
N GLY C 113 17.68 32.38 5.12
CA GLY C 113 17.43 30.97 5.41
C GLY C 113 17.79 30.49 6.80
N ALA C 114 18.00 31.43 7.72
CA ALA C 114 18.37 31.12 9.10
C ALA C 114 17.20 31.32 10.06
N GLY C 115 17.17 30.49 11.11
CA GLY C 115 16.16 30.53 12.15
C GLY C 115 16.56 29.72 13.35
N HIS C 116 15.65 29.57 14.32
CA HIS C 116 15.89 28.78 15.52
C HIS C 116 14.90 27.61 15.53
N PHE C 117 15.35 26.45 14.99
CA PHE C 117 14.53 25.26 14.85
C PHE C 117 15.35 24.04 14.43
N VAL C 118 14.80 22.85 14.62
CA VAL C 118 15.33 21.59 14.14
C VAL C 118 14.16 20.99 13.36
N GLY C 119 14.39 20.60 12.11
CA GLY C 119 13.31 20.07 11.32
C GLY C 119 13.62 19.00 10.28
N VAL C 120 12.55 18.43 9.73
CA VAL C 120 12.52 17.44 8.68
C VAL C 120 11.66 18.05 7.57
N GLU C 121 12.28 18.54 6.49
CA GLU C 121 11.56 19.18 5.40
C GLU C 121 11.27 18.21 4.24
N PHE C 122 10.09 18.38 3.63
CA PHE C 122 9.59 17.64 2.46
C PHE C 122 9.50 18.73 1.38
N ASP C 123 10.67 19.04 0.80
CA ASP C 123 10.89 20.16 -0.11
C ASP C 123 10.65 19.79 -1.59
N THR C 124 9.76 20.59 -2.24
CA THR C 124 9.29 20.37 -3.62
C THR C 124 9.77 21.45 -4.65
N TYR C 125 10.67 22.35 -4.24
CA TYR C 125 11.22 23.37 -5.14
C TYR C 125 12.72 23.52 -4.84
N SER C 126 13.55 23.69 -5.89
CA SER C 126 14.99 23.86 -5.75
C SER C 126 15.40 25.33 -5.69
N ASN C 127 15.66 25.82 -4.46
CA ASN C 127 16.12 27.18 -4.16
C ASN C 127 17.64 27.20 -4.12
N SER C 128 18.28 27.71 -5.20
CA SER C 128 19.74 27.82 -5.30
C SER C 128 20.31 28.67 -4.15
N GLU C 129 19.52 29.66 -3.66
CA GLU C 129 19.88 30.57 -2.56
C GLU C 129 20.02 29.81 -1.22
N TYR C 130 19.43 28.61 -1.10
CA TYR C 130 19.55 27.79 0.11
C TYR C 130 20.31 26.47 -0.19
N ASN C 131 21.06 26.45 -1.32
CA ASN C 131 21.87 25.32 -1.82
C ASN C 131 21.06 24.02 -1.91
N ASP C 132 19.79 24.12 -2.33
CA ASP C 132 18.90 22.98 -2.49
C ASP C 132 19.41 22.00 -3.54
N PRO C 133 19.25 20.67 -3.33
CA PRO C 133 19.62 19.72 -4.40
C PRO C 133 18.72 19.92 -5.65
N PRO C 134 19.07 19.41 -6.86
CA PRO C 134 18.26 19.74 -8.05
C PRO C 134 16.83 19.17 -8.10
N THR C 135 16.53 18.09 -7.36
CA THR C 135 15.19 17.45 -7.39
C THR C 135 14.47 17.60 -6.05
N ASP C 136 13.20 17.09 -5.96
CA ASP C 136 12.44 17.03 -4.71
C ASP C 136 13.27 16.25 -3.69
N HIS C 137 13.22 16.63 -2.42
CA HIS C 137 14.08 15.97 -1.44
C HIS C 137 13.54 16.11 -0.02
N VAL C 138 13.97 15.18 0.84
CA VAL C 138 13.72 15.19 2.27
C VAL C 138 15.03 15.69 2.88
N GLY C 139 14.96 16.67 3.76
CA GLY C 139 16.16 17.22 4.39
C GLY C 139 16.03 17.32 5.90
N ILE C 140 17.16 17.25 6.61
CA ILE C 140 17.25 17.40 8.08
C ILE C 140 17.92 18.76 8.28
N ASP C 141 17.18 19.67 8.88
CA ASP C 141 17.52 21.08 9.05
C ASP C 141 17.87 21.42 10.48
N VAL C 142 18.99 22.12 10.67
CA VAL C 142 19.41 22.58 11.99
C VAL C 142 19.66 24.09 11.90
N ASN C 143 18.66 24.89 12.32
CA ASN C 143 18.65 26.36 12.34
C ASN C 143 18.83 26.99 10.94
N SER C 144 18.50 26.24 9.88
CA SER C 144 18.67 26.69 8.51
C SER C 144 17.91 25.82 7.53
N VAL C 145 17.37 26.44 6.46
CA VAL C 145 16.73 25.73 5.35
C VAL C 145 17.83 25.28 4.35
N ASP C 146 19.12 25.61 4.64
CA ASP C 146 20.28 25.06 3.95
C ASP C 146 20.58 23.81 4.76
N SER C 147 19.92 22.69 4.38
CA SER C 147 19.92 21.41 5.07
C SER C 147 21.29 20.87 5.38
N VAL C 148 21.43 20.29 6.59
CA VAL C 148 22.64 19.61 7.04
C VAL C 148 22.81 18.38 6.13
N LYS C 149 21.68 17.76 5.72
CA LYS C 149 21.71 16.58 4.86
C LYS C 149 20.39 16.44 4.12
N THR C 150 20.43 15.95 2.86
CA THR C 150 19.23 15.70 2.05
C THR C 150 19.32 14.32 1.43
N VAL C 151 18.18 13.83 0.97
CA VAL C 151 18.06 12.57 0.24
C VAL C 151 17.09 12.80 -0.91
N PRO C 152 17.39 12.36 -2.16
CA PRO C 152 16.41 12.54 -3.26
C PRO C 152 15.10 11.84 -2.94
N TRP C 153 14.00 12.52 -3.26
CA TRP C 153 12.65 12.05 -3.00
C TRP C 153 11.77 12.52 -4.16
N ASN C 154 10.50 12.12 -4.19
CA ASN C 154 9.59 12.53 -5.25
C ASN C 154 8.24 12.82 -4.63
N SER C 155 7.78 14.07 -4.75
CA SER C 155 6.48 14.49 -4.22
C SER C 155 5.42 14.25 -5.29
N VAL C 156 4.55 13.27 -5.02
CA VAL C 156 3.48 12.86 -5.95
C VAL C 156 2.20 13.61 -5.58
N SER C 157 1.66 14.37 -6.54
CA SER C 157 0.46 15.17 -6.38
C SER C 157 -0.75 14.30 -6.02
N GLY C 158 -1.41 14.64 -4.91
CA GLY C 158 -2.58 13.95 -4.40
C GLY C 158 -2.30 12.64 -3.68
N ALA C 159 -1.01 12.31 -3.49
CA ALA C 159 -0.65 11.06 -2.82
C ALA C 159 -0.55 11.24 -1.32
N VAL C 160 -1.07 10.27 -0.57
CA VAL C 160 -0.96 10.29 0.88
C VAL C 160 0.42 9.68 1.22
N VAL C 161 1.23 10.46 1.96
CA VAL C 161 2.59 10.12 2.38
C VAL C 161 2.59 9.83 3.90
N LYS C 162 3.23 8.73 4.32
CA LYS C 162 3.38 8.34 5.72
C LYS C 162 4.83 8.52 6.15
N VAL C 163 5.02 9.10 7.33
CA VAL C 163 6.35 9.40 7.88
C VAL C 163 6.46 8.86 9.29
N THR C 164 7.61 8.30 9.62
CA THR C 164 7.94 7.83 10.95
C THR C 164 9.27 8.45 11.31
N VAL C 165 9.36 9.00 12.52
CA VAL C 165 10.57 9.62 13.01
C VAL C 165 10.95 9.03 14.37
N ILE C 166 12.20 8.68 14.53
CA ILE C 166 12.73 8.21 15.80
C ILE C 166 13.87 9.12 16.20
N TYR C 167 13.80 9.68 17.41
CA TYR C 167 14.95 10.38 17.98
C TYR C 167 15.46 9.51 19.14
N ASP C 168 16.69 9.05 19.01
CA ASP C 168 17.35 8.25 20.04
C ASP C 168 18.29 9.18 20.82
N SER C 169 17.94 9.50 22.07
CA SER C 169 18.70 10.47 22.87
C SER C 169 20.17 10.05 23.12
N SER C 170 20.46 8.74 23.37
CA SER C 170 21.82 8.22 23.66
C SER C 170 22.80 8.45 22.49
N THR C 171 22.40 8.13 21.23
CA THR C 171 23.26 8.38 20.06
C THR C 171 23.03 9.79 19.43
N LYS C 172 22.01 10.53 19.91
CA LYS C 172 21.57 11.86 19.40
C LYS C 172 21.13 11.73 17.93
N THR C 173 20.67 10.51 17.50
CA THR C 173 20.30 10.28 16.11
C THR C 173 18.83 10.54 15.86
N LEU C 174 18.56 11.38 14.85
CA LEU C 174 17.25 11.66 14.29
C LEU C 174 17.12 10.81 13.03
N SER C 175 16.28 9.78 13.09
CA SER C 175 16.10 8.84 11.98
C SER C 175 14.69 9.06 11.39
N VAL C 176 14.56 9.12 10.03
CA VAL C 176 13.30 9.38 9.31
C VAL C 176 13.06 8.31 8.24
N ALA C 177 11.86 7.72 8.20
CA ALA C 177 11.43 6.78 7.16
C ALA C 177 10.15 7.35 6.54
N VAL C 178 10.17 7.51 5.21
CA VAL C 178 9.08 8.11 4.42
C VAL C 178 8.54 7.06 3.44
N THR C 179 7.24 6.74 3.54
CA THR C 179 6.57 5.76 2.67
C THR C 179 5.76 6.48 1.61
N ASN C 180 6.21 6.31 0.35
CA ASN C 180 5.64 6.86 -0.87
C ASN C 180 4.45 6.02 -1.36
N ASP C 181 3.72 6.57 -2.35
CA ASP C 181 2.54 5.95 -2.96
C ASP C 181 2.94 4.77 -3.86
N ASN C 182 4.09 4.87 -4.56
CA ASN C 182 4.62 3.83 -5.44
C ASN C 182 5.17 2.58 -4.64
N GLY C 183 5.08 2.64 -3.31
CA GLY C 183 5.48 1.57 -2.39
C GLY C 183 6.88 1.62 -1.84
N ASP C 184 7.77 2.42 -2.44
CA ASP C 184 9.16 2.53 -2.01
C ASP C 184 9.30 3.30 -0.70
N ILE C 185 10.37 3.00 0.04
CA ILE C 185 10.67 3.71 1.28
C ILE C 185 11.91 4.57 1.06
N THR C 186 11.90 5.77 1.67
CA THR C 186 13.02 6.71 1.62
C THR C 186 13.44 6.95 3.07
N THR C 187 14.72 6.83 3.36
CA THR C 187 15.18 7.09 4.74
C THR C 187 16.26 8.16 4.74
N ILE C 188 16.39 8.85 5.87
CA ILE C 188 17.45 9.84 6.11
C ILE C 188 17.68 9.91 7.61
N ALA C 189 18.94 9.92 8.04
CA ALA C 189 19.27 10.00 9.46
C ALA C 189 20.45 10.95 9.68
N GLN C 190 20.47 11.67 10.80
CA GLN C 190 21.51 12.64 11.12
C GLN C 190 21.66 12.77 12.62
N VAL C 191 22.91 12.86 13.09
CA VAL C 191 23.17 13.09 14.51
C VAL C 191 22.88 14.57 14.77
N VAL C 192 21.93 14.86 15.66
CA VAL C 192 21.51 16.22 16.03
C VAL C 192 21.44 16.29 17.55
N ASP C 193 22.27 17.14 18.16
CA ASP C 193 22.31 17.32 19.62
C ASP C 193 21.25 18.36 20.03
N LEU C 194 20.07 17.88 20.41
CA LEU C 194 18.92 18.72 20.73
C LEU C 194 19.16 19.62 21.94
N LYS C 195 19.91 19.14 22.93
CA LYS C 195 20.28 19.92 24.09
C LYS C 195 21.13 21.13 23.66
N ALA C 196 22.01 20.93 22.68
CA ALA C 196 22.90 22.02 22.28
C ALA C 196 22.17 23.06 21.40
N LYS C 197 21.18 22.61 20.63
CA LYS C 197 20.52 23.46 19.63
C LYS C 197 19.19 24.05 20.06
N LEU C 198 18.53 23.41 21.04
CA LEU C 198 17.20 23.84 21.45
C LEU C 198 17.10 24.06 22.96
N PRO C 199 16.10 24.86 23.42
CA PRO C 199 15.87 24.96 24.87
C PRO C 199 15.28 23.66 25.47
N GLU C 200 15.20 23.61 26.81
CA GLU C 200 14.63 22.52 27.62
C GLU C 200 13.17 22.26 27.22
N ARG C 201 12.36 23.33 27.10
CA ARG C 201 10.97 23.19 26.67
C ARG C 201 10.87 23.66 25.23
N VAL C 202 10.21 22.84 24.40
CA VAL C 202 10.07 23.14 22.99
C VAL C 202 8.65 22.90 22.53
N LYS C 203 8.33 23.43 21.34
CA LYS C 203 7.05 23.13 20.70
C LYS C 203 7.34 22.34 19.44
N PHE C 204 6.46 21.38 19.13
CA PHE C 204 6.53 20.55 17.95
C PHE C 204 5.39 20.93 17.02
N GLY C 205 5.65 20.91 15.72
CA GLY C 205 4.60 21.22 14.74
C GLY C 205 4.98 21.06 13.28
N PHE C 206 4.15 21.65 12.44
CA PHE C 206 4.27 21.63 10.97
C PHE C 206 4.11 23.04 10.39
N SER C 207 4.89 23.32 9.35
CA SER C 207 4.84 24.62 8.66
C SER C 207 4.96 24.40 7.15
N ALA C 208 4.29 25.24 6.39
CA ALA C 208 4.34 25.22 4.93
C ALA C 208 4.24 26.64 4.41
N SER C 209 4.75 26.85 3.20
CA SER C 209 4.73 28.16 2.57
C SER C 209 4.68 28.07 1.05
N GLY C 210 4.31 29.19 0.45
CA GLY C 210 4.24 29.41 -0.98
C GLY C 210 4.76 30.79 -1.29
N SER C 211 4.70 31.19 -2.55
CA SER C 211 5.12 32.52 -2.99
C SER C 211 4.11 33.05 -4.01
N LEU C 212 4.51 34.03 -4.84
CA LEU C 212 3.57 34.61 -5.81
C LEU C 212 3.18 33.53 -6.86
N GLY C 213 4.17 32.99 -7.58
CA GLY C 213 3.99 31.99 -8.63
C GLY C 213 4.09 30.54 -8.20
N GLY C 214 4.55 30.29 -6.97
CA GLY C 214 4.69 28.95 -6.42
C GLY C 214 3.72 28.63 -5.31
N ARG C 215 2.66 27.87 -5.61
CA ARG C 215 1.63 27.47 -4.66
C ARG C 215 1.18 26.04 -4.90
N GLN C 216 0.69 25.37 -3.83
CA GLN C 216 0.19 24.00 -3.85
C GLN C 216 -0.58 23.74 -2.56
N ILE C 217 -1.44 22.72 -2.56
CA ILE C 217 -2.23 22.29 -1.39
C ILE C 217 -1.28 21.57 -0.43
N HIS C 218 -1.19 22.00 0.83
CA HIS C 218 -0.34 21.33 1.86
C HIS C 218 -1.26 20.81 2.95
N LEU C 219 -1.40 19.50 3.08
CA LEU C 219 -2.35 18.95 4.07
C LEU C 219 -1.69 18.08 5.14
N ILE C 220 -2.11 18.21 6.39
CA ILE C 220 -1.69 17.30 7.49
C ILE C 220 -2.93 16.47 7.83
N ARG C 221 -2.83 15.15 7.65
CA ARG C 221 -3.98 14.25 7.85
C ARG C 221 -4.04 13.66 9.26
N SER C 222 -2.91 13.29 9.81
CA SER C 222 -2.88 12.65 11.15
C SER C 222 -1.52 12.85 11.81
N TRP C 223 -1.48 12.66 13.11
CA TRP C 223 -0.24 12.87 13.87
C TRP C 223 -0.29 12.15 15.21
N SER C 224 0.67 11.26 15.43
CA SER C 224 0.83 10.54 16.70
C SER C 224 2.20 10.87 17.25
N PHE C 225 2.34 10.90 18.56
CA PHE C 225 3.63 11.25 19.17
C PHE C 225 3.75 10.69 20.56
N THR C 226 4.97 10.27 20.95
CA THR C 226 5.32 9.85 22.31
C THR C 226 6.77 10.19 22.57
N SER C 227 7.01 10.87 23.69
CA SER C 227 8.35 11.22 24.13
C SER C 227 8.49 10.79 25.54
N THR C 228 9.68 10.34 25.91
CA THR C 228 9.97 9.92 27.28
C THR C 228 11.32 10.48 27.69
N LEU C 229 11.30 11.23 28.78
CA LEU C 229 12.48 11.81 29.41
C LEU C 229 12.74 11.09 30.77
N ILE C 230 13.95 10.54 30.96
CA ILE C 230 14.32 9.87 32.21
C ILE C 230 14.52 10.98 33.26
N THR C 231 13.82 10.85 34.41
CA THR C 231 13.86 11.84 35.50
C THR C 231 14.70 11.32 36.70
N THR C 232 15.53 10.28 36.47
CA THR C 232 16.44 9.77 37.52
C THR C 232 17.88 9.73 36.98
N ALA D 1 -15.38 2.45 -33.40
CA ALA D 1 -15.95 2.33 -32.06
C ALA D 1 -16.12 3.68 -31.39
N GLU D 2 -17.14 3.80 -30.53
CA GLU D 2 -17.49 5.00 -29.78
C GLU D 2 -16.96 4.90 -28.36
N THR D 3 -16.01 5.77 -28.01
CA THR D 3 -15.37 5.75 -26.71
C THR D 3 -15.55 7.08 -25.95
N VAL D 4 -15.94 6.98 -24.67
CA VAL D 4 -16.03 8.08 -23.70
C VAL D 4 -14.91 7.83 -22.69
N SER D 5 -14.03 8.82 -22.52
CA SER D 5 -12.89 8.70 -21.64
C SER D 5 -12.62 10.03 -20.95
N PHE D 6 -12.30 9.96 -19.66
CA PHE D 6 -11.98 11.12 -18.85
C PHE D 6 -11.14 10.70 -17.67
N ASN D 7 -10.59 11.70 -16.98
CA ASN D 7 -9.78 11.50 -15.78
C ASN D 7 -9.86 12.74 -14.90
N PHE D 8 -10.14 12.53 -13.62
CA PHE D 8 -10.18 13.56 -12.59
C PHE D 8 -9.21 13.20 -11.48
N ASN D 9 -8.14 13.98 -11.34
CA ASN D 9 -7.16 13.82 -10.27
C ASN D 9 -7.60 14.69 -9.10
N SER D 10 -8.48 15.62 -9.43
CA SER D 10 -9.09 16.63 -8.52
C SER D 10 -10.37 17.20 -9.16
N PHE D 11 -11.20 17.89 -8.37
CA PHE D 11 -12.48 18.49 -8.83
C PHE D 11 -12.60 19.98 -8.46
N SER D 12 -13.40 20.72 -9.20
CA SER D 12 -13.55 22.19 -8.94
C SER D 12 -14.97 22.68 -9.17
N GLU D 13 -15.32 23.74 -8.46
CA GLU D 13 -16.66 24.34 -8.51
C GLU D 13 -17.02 24.91 -9.86
N GLY D 14 -16.13 25.66 -10.50
CA GLY D 14 -16.41 26.23 -11.82
C GLY D 14 -16.06 25.31 -12.98
N ASN D 15 -16.50 24.02 -12.91
CA ASN D 15 -16.23 23.02 -13.94
C ASN D 15 -17.56 22.58 -14.57
N PRO D 16 -17.87 22.97 -15.82
CA PRO D 16 -19.16 22.56 -16.41
C PRO D 16 -19.27 21.04 -16.68
N ALA D 17 -18.11 20.31 -16.67
CA ALA D 17 -18.03 18.86 -16.90
C ALA D 17 -18.68 18.03 -15.78
N ILE D 18 -18.96 18.63 -14.61
CA ILE D 18 -19.57 17.93 -13.49
C ILE D 18 -20.88 18.64 -13.10
N ASN D 19 -21.95 17.85 -12.94
CA ASN D 19 -23.24 18.32 -12.45
C ASN D 19 -23.25 18.10 -10.96
N PHE D 20 -23.43 19.19 -10.19
CA PHE D 20 -23.51 19.13 -8.72
C PHE D 20 -24.96 19.17 -8.28
N GLN D 21 -25.37 18.19 -7.49
CA GLN D 21 -26.75 18.06 -7.04
C GLN D 21 -26.84 18.04 -5.53
N GLY D 22 -27.80 18.79 -5.01
CA GLY D 22 -28.03 18.83 -3.56
C GLY D 22 -26.95 19.48 -2.75
N ASP D 23 -26.56 18.81 -1.64
CA ASP D 23 -25.64 19.32 -0.62
C ASP D 23 -24.14 19.16 -0.93
N VAL D 24 -23.76 18.70 -2.15
CA VAL D 24 -22.35 18.55 -2.52
C VAL D 24 -21.61 19.89 -2.56
N THR D 25 -20.35 19.89 -2.08
CA THR D 25 -19.42 21.01 -2.12
C THR D 25 -18.05 20.51 -2.61
N VAL D 26 -17.23 21.41 -3.13
CA VAL D 26 -15.86 21.09 -3.52
C VAL D 26 -14.94 21.74 -2.48
N LEU D 27 -14.11 20.92 -1.83
CA LEU D 27 -13.17 21.42 -0.82
C LEU D 27 -11.98 22.09 -1.51
N SER D 28 -11.27 22.97 -0.79
CA SER D 28 -10.12 23.71 -1.32
C SER D 28 -9.00 22.78 -1.76
N ASN D 29 -8.94 21.54 -1.21
CA ASN D 29 -7.93 20.53 -1.59
C ASN D 29 -8.32 19.78 -2.90
N GLY D 30 -9.51 20.04 -3.42
CA GLY D 30 -9.96 19.44 -4.70
C GLY D 30 -10.91 18.26 -4.55
N ASN D 31 -11.19 17.82 -3.33
CA ASN D 31 -12.09 16.67 -3.06
C ASN D 31 -13.54 17.11 -3.12
N ILE D 32 -14.41 16.21 -3.52
CA ILE D 32 -15.86 16.50 -3.46
C ILE D 32 -16.36 15.99 -2.12
N GLN D 33 -17.04 16.82 -1.36
CA GLN D 33 -17.68 16.35 -0.11
C GLN D 33 -19.16 16.22 -0.47
N LEU D 34 -19.68 15.00 -0.45
CA LEU D 34 -21.07 14.72 -0.87
C LEU D 34 -22.16 15.21 0.09
N THR D 35 -21.98 15.09 1.41
CA THR D 35 -23.05 15.48 2.36
C THR D 35 -22.69 16.70 3.24
N ASN D 36 -23.71 17.39 3.73
CA ASN D 36 -23.55 18.55 4.61
C ASN D 36 -23.71 18.06 6.04
N LEU D 37 -22.62 18.15 6.82
CA LEU D 37 -22.50 17.66 8.20
C LEU D 37 -23.48 18.34 9.20
N ASN D 38 -24.03 19.54 8.85
CA ASN D 38 -24.94 20.27 9.72
C ASN D 38 -26.42 20.20 9.29
N LYS D 39 -26.73 19.40 8.26
CA LYS D 39 -28.09 19.26 7.73
C LYS D 39 -28.71 17.89 8.06
N VAL D 40 -30.00 17.89 8.41
CA VAL D 40 -30.81 16.71 8.64
C VAL D 40 -31.14 16.11 7.27
N ASN D 41 -31.04 14.77 7.14
CA ASN D 41 -31.35 14.01 5.92
C ASN D 41 -30.58 14.55 4.71
N SER D 42 -29.29 14.94 4.91
CA SER D 42 -28.47 15.51 3.85
C SER D 42 -28.25 14.53 2.70
N VAL D 43 -28.38 15.01 1.46
CA VAL D 43 -28.17 14.23 0.23
C VAL D 43 -27.36 15.09 -0.74
N GLY D 44 -26.29 14.51 -1.26
CA GLY D 44 -25.44 15.16 -2.23
C GLY D 44 -24.99 14.19 -3.30
N ARG D 45 -25.05 14.63 -4.57
CA ARG D 45 -24.64 13.80 -5.69
C ARG D 45 -23.82 14.59 -6.71
N VAL D 46 -22.93 13.87 -7.41
CA VAL D 46 -22.14 14.41 -8.53
C VAL D 46 -22.34 13.50 -9.75
N LEU D 47 -22.44 14.09 -10.92
CA LEU D 47 -22.60 13.34 -12.18
C LEU D 47 -21.67 13.89 -13.21
N TYR D 48 -21.11 12.97 -14.06
CA TYR D 48 -20.33 13.41 -15.20
C TYR D 48 -21.37 14.04 -16.12
N ALA D 49 -21.21 15.34 -16.47
CA ALA D 49 -22.25 16.11 -17.18
C ALA D 49 -22.62 15.54 -18.57
N MET D 50 -21.69 14.92 -19.30
CA MET D 50 -22.03 14.38 -20.62
C MET D 50 -22.72 13.02 -20.53
N PRO D 51 -23.88 12.83 -21.19
CA PRO D 51 -24.52 11.50 -21.17
C PRO D 51 -23.64 10.51 -21.96
N VAL D 52 -23.62 9.26 -21.49
CA VAL D 52 -22.85 8.19 -22.10
C VAL D 52 -23.81 7.22 -22.76
N ARG D 53 -23.59 6.94 -24.05
CA ARG D 53 -24.40 5.98 -24.78
C ARG D 53 -23.90 4.55 -24.41
N ILE D 54 -24.65 3.83 -23.54
CA ILE D 54 -24.26 2.49 -23.05
C ILE D 54 -24.80 1.39 -23.97
N TRP D 55 -25.72 1.75 -24.88
CA TRP D 55 -26.25 0.81 -25.87
C TRP D 55 -26.81 1.57 -27.03
N SER D 56 -26.84 0.90 -28.21
CA SER D 56 -27.33 1.47 -29.47
C SER D 56 -28.63 0.79 -29.84
N SER D 57 -29.63 1.59 -30.22
CA SER D 57 -30.92 1.04 -30.64
C SER D 57 -30.81 0.56 -32.11
N ALA D 58 -29.82 1.07 -32.85
CA ALA D 58 -29.57 0.72 -34.24
C ALA D 58 -28.92 -0.67 -34.37
N THR D 59 -27.81 -0.93 -33.64
CA THR D 59 -27.08 -2.21 -33.72
C THR D 59 -27.47 -3.23 -32.64
N GLY D 60 -28.03 -2.77 -31.53
CA GLY D 60 -28.34 -3.61 -30.38
C GLY D 60 -27.10 -3.87 -29.52
N ASN D 61 -25.96 -3.23 -29.86
CA ASN D 61 -24.68 -3.38 -29.15
C ASN D 61 -24.70 -2.68 -27.80
N VAL D 62 -24.01 -3.28 -26.80
CA VAL D 62 -23.90 -2.77 -25.42
C VAL D 62 -22.44 -2.45 -25.16
N ALA D 63 -22.18 -1.30 -24.52
CA ALA D 63 -20.83 -0.86 -24.23
C ALA D 63 -20.26 -1.63 -23.06
N SER D 64 -18.94 -1.76 -23.06
CA SER D 64 -18.17 -2.28 -21.95
C SER D 64 -17.57 -1.05 -21.29
N PHE D 65 -17.20 -1.12 -20.00
CA PHE D 65 -16.53 0.01 -19.38
C PHE D 65 -15.57 -0.44 -18.31
N LEU D 66 -14.60 0.42 -18.03
CA LEU D 66 -13.60 0.26 -16.99
C LEU D 66 -13.53 1.56 -16.25
N THR D 67 -13.69 1.52 -14.94
CA THR D 67 -13.65 2.76 -14.17
C THR D 67 -12.90 2.50 -12.89
N SER D 68 -12.19 3.54 -12.43
CA SER D 68 -11.46 3.52 -11.18
C SER D 68 -11.70 4.81 -10.43
N PHE D 69 -11.92 4.71 -9.12
CA PHE D 69 -12.15 5.90 -8.26
C PHE D 69 -11.59 5.65 -6.85
N SER D 70 -11.34 6.74 -6.14
CA SER D 70 -10.87 6.70 -4.75
C SER D 70 -11.79 7.58 -3.92
N PHE D 71 -12.11 7.08 -2.75
CA PHE D 71 -13.01 7.77 -1.80
C PHE D 71 -12.49 7.63 -0.38
N GLU D 72 -13.07 8.40 0.51
CA GLU D 72 -12.74 8.38 1.96
C GLU D 72 -14.00 8.70 2.75
N MET D 73 -14.26 7.91 3.79
CA MET D 73 -15.32 8.12 4.76
C MET D 73 -14.67 8.31 6.11
N LYS D 74 -15.10 9.37 6.81
CA LYS D 74 -14.52 9.72 8.12
C LYS D 74 -15.61 10.02 9.15
N ASP D 75 -15.47 9.41 10.31
CA ASP D 75 -16.38 9.57 11.45
C ASP D 75 -16.33 11.01 11.95
N ILE D 76 -17.46 11.51 12.42
CA ILE D 76 -17.42 12.87 13.03
C ILE D 76 -18.02 12.74 14.43
N LYS D 77 -17.50 13.51 15.39
CA LYS D 77 -17.90 13.51 16.79
C LYS D 77 -19.44 13.56 16.97
N ASP D 78 -19.97 12.73 17.85
CA ASP D 78 -21.41 12.72 18.26
C ASP D 78 -22.38 12.20 17.19
N TYR D 79 -21.90 11.70 16.05
CA TYR D 79 -22.86 11.16 15.06
C TYR D 79 -22.48 9.73 14.67
N ASP D 80 -23.50 8.91 14.44
CA ASP D 80 -23.34 7.52 13.99
C ASP D 80 -22.73 7.61 12.57
N PRO D 81 -21.62 6.91 12.24
CA PRO D 81 -21.02 7.06 10.92
C PRO D 81 -21.88 6.37 9.85
N ALA D 82 -22.64 7.19 9.13
CA ALA D 82 -23.63 6.75 8.13
C ALA D 82 -23.79 7.84 7.05
N ASP D 83 -24.29 7.52 5.85
CA ASP D 83 -24.91 6.21 5.48
C ASP D 83 -24.08 5.48 4.43
N GLY D 84 -23.17 6.19 3.78
CA GLY D 84 -22.32 5.57 2.76
C GLY D 84 -22.44 6.23 1.39
N ILE D 85 -21.65 5.71 0.46
CA ILE D 85 -21.52 6.24 -0.92
C ILE D 85 -22.01 5.17 -1.89
N ILE D 86 -22.68 5.62 -2.94
CA ILE D 86 -23.03 4.69 -4.04
C ILE D 86 -22.53 5.29 -5.35
N PHE D 87 -21.83 4.47 -6.11
CA PHE D 87 -21.40 4.75 -7.45
C PHE D 87 -22.54 4.28 -8.30
N PHE D 88 -23.21 5.20 -9.02
CA PHE D 88 -24.42 4.81 -9.72
C PHE D 88 -24.47 5.26 -11.18
N ILE D 89 -25.41 4.63 -11.89
CA ILE D 89 -25.73 4.80 -13.30
C ILE D 89 -27.21 5.01 -13.37
N ALA D 90 -27.67 6.06 -14.01
CA ALA D 90 -29.11 6.35 -14.06
C ALA D 90 -29.52 7.06 -15.37
N PRO D 91 -30.83 7.21 -15.68
CA PRO D 91 -31.22 8.00 -16.87
C PRO D 91 -30.61 9.41 -16.84
N GLU D 92 -30.39 10.00 -18.02
CA GLU D 92 -29.73 11.30 -18.10
C GLU D 92 -30.49 12.43 -17.34
N ASP D 93 -31.81 12.32 -17.13
CA ASP D 93 -32.59 13.33 -16.41
C ASP D 93 -32.57 13.11 -14.89
N THR D 94 -31.74 12.18 -14.38
CA THR D 94 -31.71 11.82 -12.95
C THR D 94 -31.54 13.03 -12.02
N GLN D 95 -32.36 13.05 -10.97
CA GLN D 95 -32.32 14.07 -9.90
C GLN D 95 -32.48 13.36 -8.56
N ILE D 96 -32.09 14.02 -7.46
CA ILE D 96 -32.32 13.50 -6.10
C ILE D 96 -33.84 13.23 -5.97
N PRO D 97 -34.28 12.02 -5.55
CA PRO D 97 -35.74 11.79 -5.44
C PRO D 97 -36.45 12.88 -4.64
N ALA D 98 -37.64 13.29 -5.10
CA ALA D 98 -38.43 14.35 -4.46
C ALA D 98 -38.80 13.95 -3.01
N GLY D 99 -38.52 14.86 -2.06
CA GLY D 99 -38.77 14.66 -0.64
C GLY D 99 -37.92 13.58 0.00
N SER D 100 -36.69 13.38 -0.55
CA SER D 100 -35.72 12.38 -0.11
C SER D 100 -35.48 12.45 1.38
N ILE D 101 -35.55 11.27 2.03
CA ILE D 101 -35.33 11.16 3.48
C ILE D 101 -33.85 10.89 3.77
N GLY D 102 -33.01 10.90 2.73
CA GLY D 102 -31.58 10.59 2.86
C GLY D 102 -31.40 9.22 3.49
N GLY D 103 -30.59 9.15 4.53
CA GLY D 103 -30.37 7.91 5.29
C GLY D 103 -30.09 6.68 4.43
N GLY D 104 -30.83 5.62 4.66
CA GLY D 104 -30.67 4.32 3.98
C GLY D 104 -30.90 4.32 2.49
N THR D 105 -31.59 5.36 1.97
CA THR D 105 -31.91 5.50 0.55
C THR D 105 -30.66 5.83 -0.29
N LEU D 106 -29.57 6.29 0.36
CA LEU D 106 -28.27 6.67 -0.23
C LEU D 106 -28.42 7.79 -1.31
N GLY D 107 -29.56 8.48 -1.27
CA GLY D 107 -29.85 9.58 -2.19
C GLY D 107 -30.26 9.18 -3.60
N VAL D 108 -30.54 7.89 -3.83
CA VAL D 108 -30.90 7.40 -5.16
C VAL D 108 -32.28 6.75 -5.18
N SER D 109 -32.90 6.52 -4.01
CA SER D 109 -34.20 5.85 -4.00
C SER D 109 -35.26 6.58 -3.16
N ASP D 110 -36.53 6.11 -3.25
CA ASP D 110 -37.64 6.62 -2.45
C ASP D 110 -37.58 5.97 -1.04
N THR D 111 -38.57 6.27 -0.17
CA THR D 111 -38.63 5.73 1.19
C THR D 111 -38.71 4.17 1.20
N LYS D 112 -39.41 3.56 0.22
CA LYS D 112 -39.53 2.11 0.09
C LYS D 112 -38.24 1.47 -0.49
N GLY D 113 -37.25 2.29 -0.84
CA GLY D 113 -35.95 1.86 -1.35
C GLY D 113 -35.88 1.57 -2.83
N ALA D 114 -36.88 2.03 -3.60
CA ALA D 114 -36.94 1.84 -5.04
C ALA D 114 -36.55 3.11 -5.80
N GLY D 115 -35.94 2.91 -6.96
CA GLY D 115 -35.55 3.97 -7.88
C GLY D 115 -35.20 3.44 -9.24
N HIS D 116 -34.66 4.31 -10.09
CA HIS D 116 -34.24 3.95 -11.43
C HIS D 116 -32.74 4.18 -11.53
N PHE D 117 -31.95 3.12 -11.27
CA PHE D 117 -30.48 3.18 -11.25
C PHE D 117 -29.86 1.79 -11.15
N VAL D 118 -28.59 1.69 -11.48
CA VAL D 118 -27.75 0.51 -11.28
C VAL D 118 -26.56 1.05 -10.50
N GLY D 119 -26.23 0.44 -9.39
CA GLY D 119 -25.14 0.96 -8.57
C GLY D 119 -24.29 -0.05 -7.82
N VAL D 120 -23.19 0.46 -7.26
CA VAL D 120 -22.24 -0.22 -6.41
C VAL D 120 -22.19 0.62 -5.13
N GLU D 121 -22.87 0.13 -4.07
CA GLU D 121 -22.92 0.85 -2.79
C GLU D 121 -21.81 0.38 -1.83
N PHE D 122 -21.29 1.33 -1.04
CA PHE D 122 -20.29 1.20 0.03
C PHE D 122 -21.05 1.62 1.28
N ASP D 123 -21.86 0.70 1.77
CA ASP D 123 -22.90 0.88 2.81
C ASP D 123 -22.38 0.70 4.23
N THR D 124 -22.43 1.77 5.04
CA THR D 124 -21.89 1.77 6.41
C THR D 124 -22.95 1.68 7.51
N TYR D 125 -24.20 1.40 7.18
CA TYR D 125 -25.24 1.28 8.23
C TYR D 125 -26.26 0.19 7.85
N SER D 126 -26.65 -0.64 8.82
CA SER D 126 -27.58 -1.73 8.58
C SER D 126 -29.06 -1.32 8.73
N ASN D 127 -29.72 -1.04 7.59
CA ASN D 127 -31.15 -0.74 7.50
C ASN D 127 -31.94 -2.03 7.31
N SER D 128 -32.65 -2.48 8.36
CA SER D 128 -33.48 -3.68 8.31
C SER D 128 -34.61 -3.54 7.26
N GLU D 129 -35.10 -2.28 7.04
CA GLU D 129 -36.16 -1.94 6.09
C GLU D 129 -35.72 -2.19 4.62
N TYR D 130 -34.40 -2.25 4.36
CA TYR D 130 -33.88 -2.54 3.02
C TYR D 130 -33.13 -3.90 3.00
N ASN D 131 -33.36 -4.74 4.04
CA ASN D 131 -32.79 -6.09 4.23
C ASN D 131 -31.26 -6.06 4.16
N ASP D 132 -30.65 -5.01 4.73
CA ASP D 132 -29.20 -4.86 4.78
C ASP D 132 -28.55 -6.00 5.58
N PRO D 133 -27.37 -6.51 5.16
CA PRO D 133 -26.67 -7.50 6.00
C PRO D 133 -26.25 -6.85 7.35
N PRO D 134 -25.87 -7.61 8.40
CA PRO D 134 -25.61 -6.95 9.71
C PRO D 134 -24.37 -6.05 9.79
N THR D 135 -23.38 -6.21 8.91
CA THR D 135 -22.13 -5.40 8.98
C THR D 135 -22.01 -4.44 7.76
N ASP D 136 -20.91 -3.63 7.71
CA ASP D 136 -20.55 -2.80 6.56
C ASP D 136 -20.43 -3.70 5.36
N HIS D 137 -20.85 -3.22 4.19
CA HIS D 137 -20.85 -4.10 3.02
C HIS D 137 -20.76 -3.31 1.75
N VAL D 138 -20.37 -4.02 0.68
CA VAL D 138 -20.35 -3.54 -0.70
C VAL D 138 -21.52 -4.29 -1.33
N GLY D 139 -22.43 -3.57 -2.02
CA GLY D 139 -23.58 -4.18 -2.67
C GLY D 139 -23.72 -3.79 -4.13
N ILE D 140 -24.31 -4.68 -4.93
CA ILE D 140 -24.63 -4.42 -6.34
C ILE D 140 -26.14 -4.22 -6.34
N ASP D 141 -26.58 -3.00 -6.73
CA ASP D 141 -27.97 -2.55 -6.67
C ASP D 141 -28.58 -2.41 -8.04
N VAL D 142 -29.79 -2.95 -8.20
CA VAL D 142 -30.52 -2.84 -9.45
C VAL D 142 -31.92 -2.30 -9.11
N ASN D 143 -32.10 -0.95 -9.30
CA ASN D 143 -33.36 -0.21 -9.07
C ASN D 143 -33.86 -0.29 -7.61
N SER D 144 -32.95 -0.60 -6.66
CA SER D 144 -33.29 -0.79 -5.25
C SER D 144 -32.06 -0.76 -4.38
N VAL D 145 -32.22 -0.21 -3.16
CA VAL D 145 -31.16 -0.23 -2.15
C VAL D 145 -31.26 -1.58 -1.37
N ASP D 146 -32.23 -2.46 -1.75
CA ASP D 146 -32.32 -3.84 -1.29
C ASP D 146 -31.48 -4.58 -2.34
N SER D 147 -30.17 -4.66 -2.10
CA SER D 147 -29.15 -5.16 -3.00
C SER D 147 -29.44 -6.55 -3.55
N VAL D 148 -29.13 -6.72 -4.86
CA VAL D 148 -29.20 -8.00 -5.56
C VAL D 148 -28.17 -8.94 -4.88
N LYS D 149 -27.02 -8.39 -4.48
CA LYS D 149 -25.95 -9.15 -3.82
C LYS D 149 -25.07 -8.21 -3.00
N THR D 150 -24.55 -8.67 -1.88
CA THR D 150 -23.64 -7.96 -1.00
C THR D 150 -22.47 -8.87 -0.60
N VAL D 151 -21.40 -8.25 -0.13
CA VAL D 151 -20.20 -8.91 0.37
C VAL D 151 -19.78 -8.16 1.64
N PRO D 152 -19.42 -8.87 2.75
CA PRO D 152 -18.98 -8.14 3.95
C PRO D 152 -17.74 -7.31 3.65
N TRP D 153 -17.67 -6.14 4.24
CA TRP D 153 -16.59 -5.18 4.03
C TRP D 153 -16.43 -4.41 5.34
N ASN D 154 -15.42 -3.56 5.44
CA ASN D 154 -15.19 -2.75 6.64
C ASN D 154 -14.79 -1.36 6.23
N SER D 155 -15.60 -0.36 6.62
CA SER D 155 -15.32 1.03 6.32
C SER D 155 -14.45 1.62 7.44
N VAL D 156 -13.18 1.88 7.13
CA VAL D 156 -12.19 2.39 8.07
C VAL D 156 -12.18 3.92 7.99
N SER D 157 -12.49 4.57 9.12
CA SER D 157 -12.55 6.01 9.25
C SER D 157 -11.22 6.68 8.89
N GLY D 158 -11.27 7.60 7.92
CA GLY D 158 -10.10 8.35 7.44
C GLY D 158 -9.22 7.61 6.48
N ALA D 159 -9.63 6.41 6.08
CA ALA D 159 -8.85 5.60 5.15
C ALA D 159 -9.21 5.89 3.72
N VAL D 160 -8.18 5.99 2.87
CA VAL D 160 -8.38 6.18 1.43
C VAL D 160 -8.62 4.78 0.85
N VAL D 161 -9.77 4.61 0.17
CA VAL D 161 -10.23 3.35 -0.44
C VAL D 161 -10.15 3.50 -1.98
N LYS D 162 -9.61 2.50 -2.67
CA LYS D 162 -9.50 2.47 -4.13
C LYS D 162 -10.44 1.41 -4.68
N VAL D 163 -11.16 1.73 -5.75
CA VAL D 163 -12.14 0.84 -6.38
C VAL D 163 -11.86 0.73 -7.87
N THR D 164 -12.02 -0.45 -8.42
CA THR D 164 -11.89 -0.73 -9.83
C THR D 164 -13.15 -1.49 -10.22
N VAL D 165 -13.81 -1.05 -11.30
CA VAL D 165 -15.03 -1.67 -11.78
C VAL D 165 -14.88 -2.02 -13.26
N ILE D 166 -15.27 -3.24 -13.62
CA ILE D 166 -15.28 -3.68 -15.01
C ILE D 166 -16.70 -4.12 -15.35
N TYR D 167 -17.24 -3.58 -16.43
CA TYR D 167 -18.50 -4.10 -16.97
C TYR D 167 -18.16 -4.75 -18.33
N ASP D 168 -18.38 -6.05 -18.43
CA ASP D 168 -18.14 -6.81 -19.65
C ASP D 168 -19.50 -6.99 -20.35
N SER D 169 -19.72 -6.28 -21.47
CA SER D 169 -21.02 -6.28 -22.17
C SER D 169 -21.47 -7.68 -22.66
N SER D 170 -20.53 -8.52 -23.16
CA SER D 170 -20.86 -9.87 -23.69
C SER D 170 -21.46 -10.82 -22.62
N THR D 171 -20.86 -10.89 -21.43
CA THR D 171 -21.37 -11.74 -20.35
C THR D 171 -22.38 -10.99 -19.45
N LYS D 172 -22.51 -9.65 -19.65
CA LYS D 172 -23.35 -8.74 -18.84
C LYS D 172 -22.86 -8.72 -17.38
N THR D 173 -21.55 -8.96 -17.17
CA THR D 173 -21.01 -9.04 -15.81
C THR D 173 -20.44 -7.72 -15.34
N LEU D 174 -20.90 -7.30 -14.16
CA LEU D 174 -20.39 -6.15 -13.41
C LEU D 174 -19.45 -6.69 -12.30
N SER D 175 -18.14 -6.39 -12.37
CA SER D 175 -17.16 -6.86 -11.40
C SER D 175 -16.51 -5.69 -10.69
N VAL D 176 -16.37 -5.82 -9.39
CA VAL D 176 -15.86 -4.77 -8.51
C VAL D 176 -14.71 -5.33 -7.65
N ALA D 177 -13.60 -4.60 -7.59
CA ALA D 177 -12.46 -4.90 -6.72
C ALA D 177 -12.21 -3.65 -5.86
N VAL D 178 -12.27 -3.83 -4.52
CA VAL D 178 -12.12 -2.75 -3.54
C VAL D 178 -10.84 -2.98 -2.74
N THR D 179 -9.91 -2.00 -2.77
CA THR D 179 -8.63 -2.08 -2.05
C THR D 179 -8.70 -1.23 -0.79
N ASN D 180 -8.68 -1.92 0.36
CA ASN D 180 -8.70 -1.38 1.72
C ASN D 180 -7.33 -0.84 2.13
N ASP D 181 -7.30 -0.13 3.27
CA ASP D 181 -6.10 0.47 3.87
C ASP D 181 -5.16 -0.61 4.40
N ASN D 182 -5.72 -1.67 5.01
CA ASN D 182 -4.92 -2.82 5.54
C ASN D 182 -4.35 -3.65 4.37
N GLY D 183 -4.61 -3.21 3.13
CA GLY D 183 -4.07 -3.80 1.89
C GLY D 183 -4.88 -4.95 1.32
N ASP D 184 -5.85 -5.47 2.05
CA ASP D 184 -6.70 -6.59 1.55
C ASP D 184 -7.62 -6.10 0.41
N ILE D 185 -8.01 -7.00 -0.49
CA ILE D 185 -8.99 -6.67 -1.56
C ILE D 185 -10.29 -7.42 -1.27
N THR D 186 -11.39 -6.76 -1.56
CA THR D 186 -12.75 -7.28 -1.44
C THR D 186 -13.32 -7.27 -2.86
N THR D 187 -13.86 -8.38 -3.34
CA THR D 187 -14.45 -8.39 -4.68
C THR D 187 -15.89 -8.80 -4.61
N ILE D 188 -16.66 -8.36 -5.61
CA ILE D 188 -18.07 -8.73 -5.76
C ILE D 188 -18.39 -8.62 -7.24
N ALA D 189 -19.09 -9.61 -7.78
CA ALA D 189 -19.49 -9.60 -9.20
C ALA D 189 -20.92 -10.11 -9.36
N GLN D 190 -21.66 -9.57 -10.34
CA GLN D 190 -23.06 -9.91 -10.58
C GLN D 190 -23.42 -9.67 -12.04
N VAL D 191 -24.18 -10.59 -12.61
CA VAL D 191 -24.68 -10.43 -13.98
C VAL D 191 -25.81 -9.38 -13.91
N VAL D 192 -25.65 -8.27 -14.60
CA VAL D 192 -26.63 -7.15 -14.68
C VAL D 192 -26.79 -6.78 -16.15
N ASP D 193 -28.02 -6.94 -16.68
CA ASP D 193 -28.30 -6.59 -18.07
C ASP D 193 -28.61 -5.07 -18.17
N LEU D 194 -27.57 -4.27 -18.42
CA LEU D 194 -27.66 -2.80 -18.49
C LEU D 194 -28.62 -2.35 -19.60
N LYS D 195 -28.63 -3.05 -20.72
CA LYS D 195 -29.52 -2.75 -21.85
C LYS D 195 -31.01 -2.89 -21.44
N ALA D 196 -31.32 -3.82 -20.51
CA ALA D 196 -32.69 -4.08 -20.06
C ALA D 196 -33.11 -3.16 -18.91
N LYS D 197 -32.16 -2.66 -18.12
CA LYS D 197 -32.52 -1.89 -16.92
C LYS D 197 -32.37 -0.37 -17.07
N LEU D 198 -31.53 0.09 -18.00
CA LEU D 198 -31.25 1.49 -18.21
C LEU D 198 -31.54 1.99 -19.67
N PRO D 199 -31.81 3.31 -19.89
CA PRO D 199 -32.01 3.81 -21.28
C PRO D 199 -30.70 3.90 -22.09
N GLU D 200 -30.80 4.20 -23.43
CA GLU D 200 -29.69 4.33 -24.40
C GLU D 200 -28.52 5.18 -23.89
N ARG D 201 -28.86 6.36 -23.35
CA ARG D 201 -27.92 7.32 -22.77
C ARG D 201 -28.18 7.39 -21.28
N VAL D 202 -27.10 7.40 -20.48
CA VAL D 202 -27.18 7.43 -19.03
C VAL D 202 -26.18 8.40 -18.47
N LYS D 203 -26.33 8.75 -17.19
CA LYS D 203 -25.32 9.53 -16.50
C LYS D 203 -24.69 8.65 -15.42
N PHE D 204 -23.40 8.82 -15.23
CA PHE D 204 -22.59 8.14 -14.23
C PHE D 204 -22.24 9.12 -13.13
N GLY D 205 -22.18 8.64 -11.90
CA GLY D 205 -21.84 9.52 -10.77
C GLY D 205 -21.80 8.86 -9.40
N PHE D 206 -21.81 9.70 -8.38
CA PHE D 206 -21.72 9.29 -6.96
C PHE D 206 -22.81 10.00 -6.16
N SER D 207 -23.33 9.29 -5.19
CA SER D 207 -24.34 9.83 -4.25
C SER D 207 -23.98 9.40 -2.84
N ALA D 208 -24.33 10.22 -1.86
CA ALA D 208 -24.20 9.88 -0.45
C ALA D 208 -25.31 10.58 0.33
N SER D 209 -25.64 10.06 1.51
CA SER D 209 -26.68 10.63 2.35
C SER D 209 -26.44 10.40 3.84
N GLY D 210 -27.23 11.10 4.64
CA GLY D 210 -27.27 11.03 6.10
C GLY D 210 -28.70 11.18 6.59
N SER D 211 -28.90 11.08 7.89
CA SER D 211 -30.21 11.27 8.51
C SER D 211 -30.08 12.33 9.62
N LEU D 212 -30.98 12.35 10.62
CA LEU D 212 -30.87 13.29 11.75
C LEU D 212 -29.64 12.91 12.63
N GLY D 213 -29.52 11.64 12.99
CA GLY D 213 -28.43 11.15 13.83
C GLY D 213 -27.30 10.42 13.15
N GLY D 214 -27.43 10.12 11.86
CA GLY D 214 -26.39 9.39 11.11
C GLY D 214 -25.69 10.27 10.10
N ARG D 215 -24.45 10.66 10.38
CA ARG D 215 -23.70 11.55 9.47
C ARG D 215 -22.22 11.20 9.48
N GLN D 216 -21.57 11.39 8.35
CA GLN D 216 -20.12 11.15 8.25
C GLN D 216 -19.59 11.92 7.05
N ILE D 217 -18.30 12.16 7.02
CA ILE D 217 -17.68 12.82 5.87
C ILE D 217 -17.64 11.82 4.71
N HIS D 218 -18.22 12.15 3.57
CA HIS D 218 -18.17 11.29 2.37
C HIS D 218 -17.36 12.05 1.31
N LEU D 219 -16.16 11.60 0.99
CA LEU D 219 -15.30 12.33 0.03
C LEU D 219 -15.02 11.51 -1.22
N ILE D 220 -15.11 12.14 -2.39
CA ILE D 220 -14.65 11.52 -3.65
C ILE D 220 -13.33 12.22 -3.97
N ARG D 221 -12.24 11.47 -4.04
CA ARG D 221 -10.89 12.02 -4.26
C ARG D 221 -10.45 11.98 -5.72
N SER D 222 -10.80 10.93 -6.45
CA SER D 222 -10.38 10.83 -7.87
C SER D 222 -11.35 9.92 -8.62
N TRP D 223 -11.33 10.01 -9.95
CA TRP D 223 -12.21 9.22 -10.83
C TRP D 223 -11.71 9.21 -12.27
N SER D 224 -11.49 8.02 -12.79
CA SER D 224 -11.09 7.79 -14.17
C SER D 224 -12.10 6.83 -14.77
N PHE D 225 -12.42 7.03 -16.03
CA PHE D 225 -13.43 6.21 -16.71
C PHE D 225 -13.16 6.06 -18.20
N THR D 226 -13.46 4.87 -18.76
CA THR D 226 -13.45 4.63 -20.20
C THR D 226 -14.56 3.66 -20.53
N SER D 227 -15.36 3.99 -21.53
CA SER D 227 -16.38 3.11 -22.06
C SER D 227 -16.18 3.01 -23.55
N THR D 228 -16.46 1.86 -24.14
CA THR D 228 -16.31 1.64 -25.57
C THR D 228 -17.50 0.84 -26.03
N LEU D 229 -18.27 1.43 -26.96
CA LEU D 229 -19.44 0.83 -27.62
C LEU D 229 -19.04 0.56 -29.09
N ILE D 230 -19.10 -0.72 -29.53
CA ILE D 230 -18.77 -1.12 -30.90
C ILE D 230 -19.88 -0.60 -31.83
N THR D 231 -19.49 0.15 -32.89
CA THR D 231 -20.43 0.78 -33.82
C THR D 231 -20.49 0.02 -35.20
N THR D 232 -20.41 -1.33 -35.19
CA THR D 232 -20.51 -2.14 -36.41
C THR D 232 -21.22 -3.49 -36.12
#